data_2JUI
#
_entry.id   2JUI
#
_entity_poly.entity_id   1
_entity_poly.type   'polypeptide(L)'
_entity_poly.pdbx_seq_one_letter_code
;FNRGGYNFGKSVRHVVDAIGSVAGIRGILKSIR
;
_entity_poly.pdbx_strand_id   A
#
# COMPACT_ATOMS: atom_id res chain seq x y z
N PHE A 1 10.11 -15.89 6.22
CA PHE A 1 9.38 -15.24 5.14
C PHE A 1 8.68 -16.28 4.26
N ASN A 2 8.12 -15.79 3.16
CA ASN A 2 7.41 -16.65 2.23
C ASN A 2 7.69 -16.19 0.80
N ARG A 3 7.18 -15.02 0.48
CA ARG A 3 7.36 -14.46 -0.85
C ARG A 3 8.85 -14.13 -1.08
N GLY A 4 9.51 -13.77 0.00
CA GLY A 4 10.92 -13.43 -0.07
C GLY A 4 11.12 -11.91 -0.17
N GLY A 5 10.21 -11.28 -0.90
CA GLY A 5 10.26 -9.84 -1.08
C GLY A 5 10.62 -9.48 -2.53
N TYR A 6 11.30 -10.42 -3.18
CA TYR A 6 11.71 -10.22 -4.56
C TYR A 6 10.57 -10.55 -5.52
N ASN A 7 9.39 -10.76 -4.94
CA ASN A 7 8.22 -11.10 -5.73
C ASN A 7 7.93 -9.96 -6.72
N PHE A 8 6.83 -10.11 -7.44
CA PHE A 8 6.43 -9.10 -8.41
C PHE A 8 5.01 -9.36 -8.91
N GLY A 9 4.18 -9.87 -8.02
CA GLY A 9 2.80 -10.17 -8.36
C GLY A 9 1.89 -10.00 -7.15
N LYS A 10 2.25 -10.70 -6.08
CA LYS A 10 1.48 -10.65 -4.84
C LYS A 10 1.56 -9.23 -4.26
N SER A 11 2.79 -8.78 -4.06
CA SER A 11 3.02 -7.46 -3.50
C SER A 11 2.28 -6.41 -4.34
N VAL A 12 2.20 -6.68 -5.63
CA VAL A 12 1.53 -5.78 -6.54
C VAL A 12 0.05 -5.66 -6.16
N ARG A 13 -0.48 -6.77 -5.67
CA ARG A 13 -1.88 -6.82 -5.25
C ARG A 13 -2.09 -5.96 -4.01
N HIS A 14 -1.08 -5.93 -3.17
CA HIS A 14 -1.13 -5.14 -1.95
C HIS A 14 -0.95 -3.66 -2.28
N VAL A 15 0.02 -3.40 -3.15
CA VAL A 15 0.31 -2.03 -3.56
C VAL A 15 -0.85 -1.49 -4.38
N VAL A 16 -1.47 -2.39 -5.14
CA VAL A 16 -2.60 -2.00 -5.98
C VAL A 16 -3.66 -1.33 -5.11
N ASP A 17 -3.90 -1.92 -3.94
CA ASP A 17 -4.88 -1.39 -3.02
C ASP A 17 -4.36 -0.09 -2.41
N ALA A 18 -3.04 0.03 -2.39
CA ALA A 18 -2.40 1.21 -1.85
C ALA A 18 -2.75 2.43 -2.72
N ILE A 19 -2.87 2.17 -4.02
CA ILE A 19 -3.20 3.22 -4.96
C ILE A 19 -4.51 3.88 -4.55
N GLY A 20 -5.37 3.08 -3.92
CA GLY A 20 -6.66 3.57 -3.48
C GLY A 20 -6.65 3.83 -1.97
N SER A 21 -5.70 3.21 -1.30
CA SER A 21 -5.58 3.36 0.14
C SER A 21 -5.05 4.76 0.47
N VAL A 22 -4.55 5.43 -0.57
CA VAL A 22 -4.01 6.78 -0.40
C VAL A 22 -5.10 7.69 0.16
N ALA A 23 -6.34 7.40 -0.24
CA ALA A 23 -7.46 8.20 0.21
C ALA A 23 -7.75 7.87 1.69
N GLY A 24 -7.21 6.75 2.13
CA GLY A 24 -7.40 6.32 3.50
C GLY A 24 -6.08 6.33 4.26
N ILE A 25 -5.11 7.04 3.71
CA ILE A 25 -3.80 7.14 4.33
C ILE A 25 -3.23 8.55 4.10
N ARG A 26 -3.13 8.91 2.83
CA ARG A 26 -2.62 10.22 2.46
C ARG A 26 -3.62 11.31 2.83
N GLY A 27 -4.89 11.00 2.62
CA GLY A 27 -5.96 11.94 2.92
C GLY A 27 -6.09 12.14 4.43
N ILE A 28 -6.00 11.03 5.16
CA ILE A 28 -6.10 11.07 6.61
C ILE A 28 -4.79 11.58 7.20
N LEU A 29 -3.75 11.53 6.38
CA LEU A 29 -2.43 11.99 6.81
C LEU A 29 -2.51 13.46 7.19
N LYS A 30 -3.40 14.18 6.52
CA LYS A 30 -3.58 15.59 6.78
C LYS A 30 -4.11 15.78 8.21
N SER A 31 -4.54 14.67 8.80
CA SER A 31 -5.08 14.69 10.14
C SER A 31 -4.00 14.26 11.14
N ILE A 32 -2.91 13.74 10.61
CA ILE A 32 -1.81 13.28 11.43
C ILE A 32 -0.72 14.35 11.45
N ARG A 33 -0.50 14.95 10.30
CA ARG A 33 0.52 15.99 10.16
C ARG A 33 1.90 15.41 10.42
N PHE A 1 13.59 -18.90 3.43
CA PHE A 1 12.71 -18.32 2.43
C PHE A 1 13.38 -18.26 1.06
N ASN A 2 12.60 -17.83 0.07
CA ASN A 2 13.11 -17.73 -1.28
C ASN A 2 12.55 -16.46 -1.93
N ARG A 3 11.24 -16.32 -1.85
CA ARG A 3 10.57 -15.17 -2.43
C ARG A 3 10.97 -13.90 -1.69
N GLY A 4 11.55 -14.09 -0.50
CA GLY A 4 11.98 -12.97 0.31
C GLY A 4 10.85 -12.48 1.22
N GLY A 5 9.65 -12.47 0.67
CA GLY A 5 8.49 -12.03 1.41
C GLY A 5 7.86 -10.79 0.78
N TYR A 6 8.72 -9.99 0.15
CA TYR A 6 8.27 -8.77 -0.49
C TYR A 6 7.64 -9.07 -1.86
N ASN A 7 7.98 -10.24 -2.38
CA ASN A 7 7.46 -10.65 -3.67
C ASN A 7 7.45 -9.45 -4.62
N PHE A 8 6.55 -9.52 -5.59
CA PHE A 8 6.42 -8.45 -6.57
C PHE A 8 5.15 -8.61 -7.40
N GLY A 9 4.11 -9.12 -6.75
CA GLY A 9 2.85 -9.33 -7.42
C GLY A 9 1.68 -9.24 -6.42
N LYS A 10 1.78 -10.06 -5.38
CA LYS A 10 0.74 -10.09 -4.36
C LYS A 10 0.72 -8.75 -3.63
N SER A 11 1.88 -8.36 -3.11
CA SER A 11 1.99 -7.11 -2.39
C SER A 11 1.48 -5.96 -3.26
N VAL A 12 1.68 -6.10 -4.56
CA VAL A 12 1.24 -5.09 -5.50
C VAL A 12 -0.29 -4.97 -5.44
N ARG A 13 -0.93 -6.11 -5.20
CA ARG A 13 -2.37 -6.15 -5.12
C ARG A 13 -2.86 -5.39 -3.88
N HIS A 14 -2.06 -5.49 -2.82
CA HIS A 14 -2.39 -4.82 -1.58
C HIS A 14 -2.11 -3.32 -1.70
N VAL A 15 -0.98 -3.01 -2.30
CA VAL A 15 -0.58 -1.62 -2.49
C VAL A 15 -1.53 -0.96 -3.49
N VAL A 16 -1.96 -1.75 -4.46
CA VAL A 16 -2.87 -1.26 -5.49
C VAL A 16 -4.10 -0.64 -4.81
N ASP A 17 -4.60 -1.34 -3.80
CA ASP A 17 -5.76 -0.87 -3.07
C ASP A 17 -5.41 0.43 -2.34
N ALA A 18 -4.14 0.58 -2.05
CA ALA A 18 -3.66 1.78 -1.36
C ALA A 18 -3.72 2.97 -2.32
N ILE A 19 -3.50 2.68 -3.59
CA ILE A 19 -3.53 3.71 -4.61
C ILE A 19 -4.92 4.35 -4.65
N GLY A 20 -5.91 3.57 -4.26
CA GLY A 20 -7.27 4.05 -4.25
C GLY A 20 -7.69 4.50 -2.85
N SER A 21 -6.97 3.98 -1.86
CA SER A 21 -7.24 4.32 -0.47
C SER A 21 -6.39 5.52 -0.05
N VAL A 22 -5.76 6.13 -1.04
CA VAL A 22 -4.91 7.29 -0.79
C VAL A 22 -5.74 8.40 -0.15
N ALA A 23 -7.01 8.45 -0.56
CA ALA A 23 -7.92 9.45 -0.02
C ALA A 23 -8.28 9.10 1.42
N GLY A 24 -8.02 7.84 1.78
CA GLY A 24 -8.31 7.37 3.12
C GLY A 24 -7.02 7.10 3.90
N ILE A 25 -5.93 7.64 3.37
CA ILE A 25 -4.63 7.46 4.00
C ILE A 25 -3.80 8.73 3.82
N ARG A 26 -3.58 9.08 2.56
CA ARG A 26 -2.81 10.27 2.24
C ARG A 26 -3.61 11.53 2.59
N GLY A 27 -4.92 11.35 2.69
CA GLY A 27 -5.80 12.46 3.01
C GLY A 27 -5.90 12.65 4.52
N ILE A 28 -5.82 11.54 5.24
CA ILE A 28 -5.89 11.58 6.69
C ILE A 28 -4.53 11.94 7.26
N LEU A 29 -3.50 11.73 6.46
CA LEU A 29 -2.14 12.04 6.87
C LEU A 29 -2.07 13.49 7.33
N LYS A 30 -2.57 14.38 6.47
CA LYS A 30 -2.57 15.80 6.78
C LYS A 30 -3.41 16.05 8.04
N SER A 31 -4.19 15.03 8.40
CA SER A 31 -5.05 15.13 9.57
C SER A 31 -4.24 14.80 10.83
N ILE A 32 -3.13 14.10 10.62
CA ILE A 32 -2.27 13.72 11.74
C ILE A 32 -1.11 14.70 11.82
N ARG A 33 -0.53 15.00 10.66
CA ARG A 33 0.59 15.92 10.60
C ARG A 33 1.81 15.32 11.31
N PHE A 1 5.16 -5.15 -0.14
CA PHE A 1 5.99 -6.34 -0.17
C PHE A 1 6.21 -6.91 1.23
N ASN A 2 6.83 -8.08 1.27
CA ASN A 2 7.11 -8.73 2.54
C ASN A 2 8.44 -9.48 2.45
N ARG A 3 8.58 -10.25 1.37
CA ARG A 3 9.80 -11.01 1.16
C ARG A 3 10.77 -10.21 0.30
N GLY A 4 10.25 -9.69 -0.81
CA GLY A 4 11.07 -8.91 -1.72
C GLY A 4 12.26 -9.72 -2.22
N GLY A 5 12.18 -11.02 -2.02
CA GLY A 5 13.25 -11.91 -2.44
C GLY A 5 12.70 -13.05 -3.30
N TYR A 6 11.39 -13.03 -3.49
CA TYR A 6 10.73 -14.06 -4.29
C TYR A 6 9.38 -13.56 -4.81
N ASN A 7 8.59 -13.02 -3.89
CA ASN A 7 7.28 -12.50 -4.25
C ASN A 7 7.44 -11.37 -5.27
N PHE A 8 6.34 -11.05 -5.93
CA PHE A 8 6.34 -9.99 -6.92
C PHE A 8 5.09 -10.06 -7.80
N GLY A 9 3.96 -10.32 -7.15
CA GLY A 9 2.69 -10.41 -7.85
C GLY A 9 1.52 -10.22 -6.88
N LYS A 10 1.56 -10.99 -5.81
CA LYS A 10 0.51 -10.93 -4.80
C LYS A 10 0.54 -9.56 -4.13
N SER A 11 1.70 -9.22 -3.59
CA SER A 11 1.88 -7.95 -2.92
C SER A 11 1.45 -6.80 -3.84
N VAL A 12 1.67 -7.01 -5.13
CA VAL A 12 1.31 -6.01 -6.12
C VAL A 12 -0.21 -5.79 -6.09
N ARG A 13 -0.92 -6.88 -5.83
CA ARG A 13 -2.37 -6.83 -5.77
C ARG A 13 -2.83 -6.01 -4.56
N HIS A 14 -2.06 -6.11 -3.49
CA HIS A 14 -2.37 -5.37 -2.27
C HIS A 14 -1.99 -3.90 -2.45
N VAL A 15 -0.84 -3.68 -3.04
CA VAL A 15 -0.36 -2.33 -3.27
C VAL A 15 -1.24 -1.65 -4.32
N VAL A 16 -1.70 -2.45 -5.27
CA VAL A 16 -2.57 -1.94 -6.32
C VAL A 16 -3.77 -1.23 -5.70
N ASP A 17 -4.31 -1.84 -4.66
CA ASP A 17 -5.45 -1.29 -3.95
C ASP A 17 -5.00 -0.07 -3.14
N ALA A 18 -3.72 -0.08 -2.79
CA ALA A 18 -3.16 1.00 -2.00
C ALA A 18 -3.16 2.29 -2.84
N ILE A 19 -3.05 2.11 -4.14
CA ILE A 19 -3.04 3.23 -5.06
C ILE A 19 -4.34 4.03 -4.89
N GLY A 20 -5.39 3.31 -4.51
CA GLY A 20 -6.69 3.94 -4.31
C GLY A 20 -6.97 4.15 -2.83
N SER A 21 -6.21 3.46 -2.01
CA SER A 21 -6.37 3.57 -0.56
C SER A 21 -5.51 4.70 -0.02
N VAL A 22 -4.68 5.24 -0.90
CA VAL A 22 -3.79 6.33 -0.53
C VAL A 22 -4.63 7.51 -0.02
N ALA A 23 -5.82 7.64 -0.61
CA ALA A 23 -6.71 8.71 -0.23
C ALA A 23 -7.32 8.41 1.15
N GLY A 24 -7.21 7.16 1.54
CA GLY A 24 -7.73 6.73 2.83
C GLY A 24 -6.59 6.37 3.79
N ILE A 25 -5.40 6.82 3.43
CA ILE A 25 -4.22 6.55 4.26
C ILE A 25 -3.29 7.76 4.20
N ARG A 26 -2.86 8.09 2.99
CA ARG A 26 -1.96 9.21 2.80
C ARG A 26 -2.71 10.53 3.03
N GLY A 27 -3.96 10.56 2.58
CA GLY A 27 -4.78 11.74 2.74
C GLY A 27 -5.14 11.98 4.22
N ILE A 28 -5.47 10.88 4.88
CA ILE A 28 -5.83 10.94 6.29
C ILE A 28 -4.57 11.07 7.13
N LEU A 29 -3.44 10.75 6.51
CA LEU A 29 -2.17 10.82 7.19
C LEU A 29 -1.91 12.26 7.64
N LYS A 30 -2.44 13.19 6.86
CA LYS A 30 -2.28 14.61 7.17
C LYS A 30 -3.01 14.93 8.48
N SER A 31 -3.82 13.96 8.92
CA SER A 31 -4.57 14.13 10.14
C SER A 31 -3.86 13.41 11.30
N ILE A 32 -2.86 12.62 10.93
CA ILE A 32 -2.10 11.88 11.92
C ILE A 32 -0.79 12.61 12.20
N ARG A 33 -0.20 13.13 11.13
CA ARG A 33 1.06 13.86 11.24
C ARG A 33 2.17 12.93 11.71
N PHE A 1 12.22 -15.78 3.47
CA PHE A 1 12.68 -17.12 3.16
C PHE A 1 11.73 -17.83 2.19
N ASN A 2 11.03 -17.02 1.42
CA ASN A 2 10.08 -17.55 0.45
C ASN A 2 9.89 -16.54 -0.69
N ARG A 3 9.41 -15.36 -0.32
CA ARG A 3 9.19 -14.31 -1.29
C ARG A 3 10.43 -13.42 -1.41
N GLY A 4 11.24 -13.45 -0.37
CA GLY A 4 12.46 -12.66 -0.34
C GLY A 4 12.20 -11.26 0.23
N GLY A 5 11.02 -10.75 -0.05
CA GLY A 5 10.63 -9.44 0.42
C GLY A 5 10.37 -8.48 -0.75
N TYR A 6 10.97 -8.81 -1.88
CA TYR A 6 10.82 -7.99 -3.07
C TYR A 6 9.50 -8.29 -3.78
N ASN A 7 9.09 -9.54 -3.68
CA ASN A 7 7.84 -9.97 -4.30
C ASN A 7 7.74 -9.36 -5.69
N PHE A 8 6.53 -9.38 -6.22
CA PHE A 8 6.28 -8.83 -7.54
C PHE A 8 4.91 -9.29 -8.09
N GLY A 9 3.93 -9.30 -7.20
CA GLY A 9 2.60 -9.71 -7.58
C GLY A 9 1.61 -9.50 -6.42
N LYS A 10 1.98 -10.07 -5.27
CA LYS A 10 1.14 -9.94 -4.08
C LYS A 10 1.09 -8.48 -3.64
N SER A 11 2.27 -7.92 -3.42
CA SER A 11 2.37 -6.54 -2.99
C SER A 11 1.65 -5.63 -4.00
N VAL A 12 1.69 -6.04 -5.25
CA VAL A 12 1.05 -5.28 -6.31
C VAL A 12 -0.46 -5.20 -6.03
N ARG A 13 -0.97 -6.28 -5.45
CA ARG A 13 -2.39 -6.35 -5.13
C ARG A 13 -2.74 -5.36 -4.02
N HIS A 14 -1.79 -5.17 -3.12
CA HIS A 14 -1.97 -4.26 -2.00
C HIS A 14 -1.83 -2.82 -2.50
N VAL A 15 -0.82 -2.61 -3.33
CA VAL A 15 -0.57 -1.29 -3.87
C VAL A 15 -1.69 -0.90 -4.82
N VAL A 16 -2.20 -1.91 -5.52
CA VAL A 16 -3.29 -1.69 -6.46
C VAL A 16 -4.44 -0.97 -5.75
N ASP A 17 -4.73 -1.43 -4.55
CA ASP A 17 -5.80 -0.83 -3.77
C ASP A 17 -5.34 0.52 -3.22
N ALA A 18 -4.03 0.65 -3.09
CA ALA A 18 -3.45 1.89 -2.60
C ALA A 18 -3.85 3.04 -3.51
N ILE A 19 -4.15 2.69 -4.75
CA ILE A 19 -4.56 3.69 -5.72
C ILE A 19 -5.84 4.38 -5.26
N GLY A 20 -6.58 3.67 -4.42
CA GLY A 20 -7.83 4.19 -3.89
C GLY A 20 -7.70 4.50 -2.40
N SER A 21 -6.82 3.75 -1.74
CA SER A 21 -6.60 3.94 -0.32
C SER A 21 -5.88 5.26 -0.07
N VAL A 22 -5.00 5.61 -1.00
CA VAL A 22 -4.23 6.84 -0.90
C VAL A 22 -5.20 8.02 -0.84
N ALA A 23 -6.33 7.87 -1.51
CA ALA A 23 -7.35 8.91 -1.54
C ALA A 23 -8.01 9.01 -0.18
N GLY A 24 -7.83 7.96 0.62
CA GLY A 24 -8.40 7.92 1.95
C GLY A 24 -7.34 7.62 3.00
N ILE A 25 -6.10 7.96 2.66
CA ILE A 25 -4.98 7.72 3.56
C ILE A 25 -4.01 8.90 3.47
N ARG A 26 -3.70 9.27 2.23
CA ARG A 26 -2.79 10.37 1.99
C ARG A 26 -3.37 11.68 2.51
N GLY A 27 -4.62 11.92 2.12
CA GLY A 27 -5.31 13.13 2.54
C GLY A 27 -5.46 13.18 4.06
N ILE A 28 -5.78 12.02 4.63
CA ILE A 28 -5.95 11.91 6.07
C ILE A 28 -4.58 11.86 6.74
N LEU A 29 -3.57 11.56 5.94
CA LEU A 29 -2.21 11.47 6.44
C LEU A 29 -1.80 12.83 7.02
N LYS A 30 -2.35 13.87 6.44
CA LYS A 30 -2.05 15.22 6.89
C LYS A 30 -2.60 15.42 8.30
N SER A 31 -3.41 14.47 8.72
CA SER A 31 -4.01 14.52 10.04
C SER A 31 -3.23 13.64 11.02
N ILE A 32 -2.34 12.84 10.45
CA ILE A 32 -1.52 11.95 11.25
C ILE A 32 -0.13 12.56 11.43
N ARG A 33 0.37 13.14 10.34
CA ARG A 33 1.68 13.76 10.37
C ARG A 33 2.76 12.72 10.66
N PHE A 1 9.92 -17.68 5.25
CA PHE A 1 9.73 -16.40 4.59
C PHE A 1 8.29 -16.27 4.08
N ASN A 2 8.08 -15.24 3.26
CA ASN A 2 6.76 -14.99 2.70
C ASN A 2 6.90 -14.54 1.24
N ARG A 3 7.46 -13.35 1.09
CA ARG A 3 7.65 -12.80 -0.25
C ARG A 3 8.58 -13.69 -1.06
N GLY A 4 9.51 -14.33 -0.36
CA GLY A 4 10.47 -15.21 -1.01
C GLY A 4 11.81 -14.51 -1.23
N GLY A 5 11.72 -13.23 -1.55
CA GLY A 5 12.90 -12.43 -1.79
C GLY A 5 13.02 -12.05 -3.27
N TYR A 6 11.92 -12.22 -3.98
CA TYR A 6 11.88 -11.90 -5.40
C TYR A 6 10.44 -11.69 -5.88
N ASN A 7 9.61 -11.24 -4.95
CA ASN A 7 8.21 -10.99 -5.26
C ASN A 7 8.12 -9.94 -6.36
N PHE A 8 6.96 -9.92 -7.02
CA PHE A 8 6.74 -8.97 -8.10
C PHE A 8 5.33 -9.13 -8.67
N GLY A 9 4.40 -9.46 -7.79
CA GLY A 9 3.01 -9.64 -8.20
C GLY A 9 2.07 -9.61 -6.99
N LYS A 10 2.44 -10.38 -5.98
CA LYS A 10 1.64 -10.46 -4.77
C LYS A 10 1.69 -9.11 -4.06
N SER A 11 2.90 -8.66 -3.77
CA SER A 11 3.09 -7.39 -3.09
C SER A 11 2.38 -6.28 -3.87
N VAL A 12 2.36 -6.43 -5.18
CA VAL A 12 1.73 -5.45 -6.04
C VAL A 12 0.24 -5.36 -5.70
N ARG A 13 -0.32 -6.50 -5.31
CA ARG A 13 -1.72 -6.56 -4.95
C ARG A 13 -1.97 -5.78 -3.65
N HIS A 14 -0.98 -5.82 -2.78
CA HIS A 14 -1.08 -5.13 -1.51
C HIS A 14 -0.87 -3.63 -1.71
N VAL A 15 0.12 -3.32 -2.54
CA VAL A 15 0.43 -1.93 -2.83
C VAL A 15 -0.71 -1.32 -3.66
N VAL A 16 -1.30 -2.14 -4.50
CA VAL A 16 -2.40 -1.70 -5.34
C VAL A 16 -3.49 -1.09 -4.45
N ASP A 17 -3.75 -1.76 -3.33
CA ASP A 17 -4.76 -1.29 -2.40
C ASP A 17 -4.32 0.04 -1.81
N ALA A 18 -3.02 0.25 -1.77
CA ALA A 18 -2.46 1.47 -1.22
C ALA A 18 -2.83 2.64 -2.14
N ILE A 19 -2.95 2.34 -3.42
CA ILE A 19 -3.30 3.35 -4.40
C ILE A 19 -4.72 3.84 -4.12
N GLY A 20 -5.50 2.99 -3.47
CA GLY A 20 -6.86 3.33 -3.14
C GLY A 20 -7.00 3.70 -1.66
N SER A 21 -6.06 3.22 -0.87
CA SER A 21 -6.06 3.50 0.56
C SER A 21 -5.46 4.88 0.81
N VAL A 22 -4.58 5.29 -0.09
CA VAL A 22 -3.93 6.59 0.02
C VAL A 22 -5.00 7.69 0.05
N ALA A 23 -6.09 7.44 -0.67
CA ALA A 23 -7.18 8.39 -0.73
C ALA A 23 -7.93 8.38 0.60
N GLY A 24 -7.70 7.32 1.37
CA GLY A 24 -8.36 7.17 2.65
C GLY A 24 -7.32 7.06 3.78
N ILE A 25 -6.12 7.52 3.48
CA ILE A 25 -5.04 7.48 4.46
C ILE A 25 -4.18 8.73 4.31
N ARG A 26 -3.74 8.97 3.08
CA ARG A 26 -2.90 10.12 2.80
C ARG A 26 -3.73 11.41 2.91
N GLY A 27 -4.96 11.32 2.45
CA GLY A 27 -5.86 12.46 2.48
C GLY A 27 -6.26 12.80 3.92
N ILE A 28 -6.53 11.75 4.69
CA ILE A 28 -6.92 11.92 6.08
C ILE A 28 -5.70 12.23 6.92
N LEU A 29 -4.53 11.93 6.35
CA LEU A 29 -3.27 12.17 7.03
C LEU A 29 -3.15 13.66 7.36
N LYS A 30 -3.72 14.47 6.48
CA LYS A 30 -3.68 15.91 6.65
C LYS A 30 -4.47 16.30 7.91
N SER A 31 -5.20 15.33 8.42
CA SER A 31 -6.00 15.54 9.62
C SER A 31 -5.26 15.00 10.85
N ILE A 32 -4.19 14.26 10.58
CA ILE A 32 -3.40 13.68 11.65
C ILE A 32 -2.15 14.54 11.87
N ARG A 33 -1.58 14.99 10.76
CA ARG A 33 -0.39 15.82 10.82
C ARG A 33 0.79 15.01 11.38
N PHE A 1 12.04 -6.04 4.16
CA PHE A 1 11.47 -7.32 3.78
C PHE A 1 9.97 -7.19 3.52
N ASN A 2 9.58 -7.57 2.31
CA ASN A 2 8.17 -7.50 1.93
C ASN A 2 7.83 -8.72 1.07
N ARG A 3 8.40 -8.75 -0.13
CA ARG A 3 8.16 -9.85 -1.05
C ARG A 3 8.70 -11.15 -0.46
N GLY A 4 9.81 -11.02 0.27
CA GLY A 4 10.44 -12.18 0.87
C GLY A 4 11.60 -12.69 0.02
N GLY A 5 11.53 -12.38 -1.26
CA GLY A 5 12.56 -12.79 -2.20
C GLY A 5 12.02 -13.82 -3.20
N TYR A 6 10.73 -13.73 -3.45
CA TYR A 6 10.09 -14.63 -4.38
C TYR A 6 8.78 -14.03 -4.92
N ASN A 7 8.02 -13.44 -4.00
CA ASN A 7 6.75 -12.82 -4.38
C ASN A 7 7.01 -11.70 -5.38
N PHE A 8 6.00 -11.46 -6.21
CA PHE A 8 6.11 -10.42 -7.23
C PHE A 8 4.86 -10.39 -8.12
N GLY A 9 3.72 -10.63 -7.48
CA GLY A 9 2.46 -10.64 -8.19
C GLY A 9 1.28 -10.51 -7.23
N LYS A 10 1.30 -11.35 -6.20
CA LYS A 10 0.24 -11.33 -5.22
C LYS A 10 0.29 -10.01 -4.44
N SER A 11 1.45 -9.74 -3.87
CA SER A 11 1.65 -8.53 -3.10
C SER A 11 1.27 -7.30 -3.95
N VAL A 12 1.51 -7.43 -5.25
CA VAL A 12 1.20 -6.35 -6.18
C VAL A 12 -0.30 -6.07 -6.14
N ARG A 13 -1.07 -7.14 -5.95
CA ARG A 13 -2.51 -7.02 -5.90
C ARG A 13 -2.94 -6.27 -4.64
N HIS A 14 -2.17 -6.47 -3.57
CA HIS A 14 -2.45 -5.81 -2.31
C HIS A 14 -2.02 -4.34 -2.38
N VAL A 15 -0.85 -4.12 -2.96
CA VAL A 15 -0.32 -2.78 -3.11
C VAL A 15 -1.18 -2.00 -4.10
N VAL A 16 -1.68 -2.72 -5.11
CA VAL A 16 -2.52 -2.11 -6.12
C VAL A 16 -3.69 -1.40 -5.45
N ASP A 17 -4.25 -2.06 -4.44
CA ASP A 17 -5.37 -1.51 -3.71
C ASP A 17 -4.90 -0.30 -2.90
N ALA A 18 -3.61 -0.30 -2.58
CA ALA A 18 -3.03 0.79 -1.81
C ALA A 18 -3.01 2.06 -2.67
N ILE A 19 -2.99 1.85 -3.98
CA ILE A 19 -2.97 2.96 -4.92
C ILE A 19 -4.24 3.78 -4.76
N GLY A 20 -5.31 3.10 -4.35
CA GLY A 20 -6.59 3.74 -4.16
C GLY A 20 -6.86 4.00 -2.67
N SER A 21 -6.22 3.19 -1.84
CA SER A 21 -6.37 3.31 -0.40
C SER A 21 -5.51 4.46 0.12
N VAL A 22 -4.50 4.82 -0.67
CA VAL A 22 -3.60 5.89 -0.30
C VAL A 22 -4.40 7.18 -0.08
N ALA A 23 -5.43 7.34 -0.90
CA ALA A 23 -6.27 8.52 -0.81
C ALA A 23 -7.11 8.43 0.48
N GLY A 24 -7.19 7.23 1.02
CA GLY A 24 -7.95 7.01 2.24
C GLY A 24 -7.03 6.56 3.38
N ILE A 25 -5.74 6.82 3.20
CA ILE A 25 -4.76 6.43 4.20
C ILE A 25 -3.67 7.51 4.27
N ARG A 26 -3.06 7.76 3.12
CA ARG A 26 -2.01 8.75 3.04
C ARG A 26 -2.59 10.15 3.19
N GLY A 27 -3.85 10.28 2.83
CA GLY A 27 -4.54 11.56 2.92
C GLY A 27 -4.99 11.84 4.36
N ILE A 28 -5.33 10.77 5.05
CA ILE A 28 -5.77 10.89 6.44
C ILE A 28 -4.56 11.07 7.34
N LEU A 29 -3.39 10.73 6.81
CA LEU A 29 -2.16 10.86 7.56
C LEU A 29 -1.94 12.32 7.93
N LYS A 30 -2.45 13.20 7.08
CA LYS A 30 -2.32 14.63 7.30
C LYS A 30 -3.11 15.02 8.56
N SER A 31 -3.93 14.08 9.01
CA SER A 31 -4.75 14.32 10.19
C SER A 31 -4.08 13.67 11.42
N ILE A 32 -3.07 12.86 11.14
CA ILE A 32 -2.35 12.19 12.21
C ILE A 32 -1.05 12.94 12.51
N ARG A 33 -0.43 13.41 11.44
CA ARG A 33 0.82 14.16 11.57
C ARG A 33 1.92 13.25 12.14
N PHE A 1 15.16 -19.98 0.40
CA PHE A 1 13.90 -19.57 -0.20
C PHE A 1 14.10 -19.06 -1.63
N ASN A 2 13.13 -18.30 -2.10
CA ASN A 2 13.20 -17.75 -3.45
C ASN A 2 12.64 -16.32 -3.44
N ARG A 3 11.37 -16.23 -3.12
CA ARG A 3 10.69 -14.94 -3.08
C ARG A 3 11.35 -14.05 -2.02
N GLY A 4 11.35 -14.55 -0.80
CA GLY A 4 11.94 -13.80 0.32
C GLY A 4 10.86 -13.36 1.31
N GLY A 5 9.63 -13.36 0.82
CA GLY A 5 8.50 -12.96 1.66
C GLY A 5 7.85 -11.69 1.12
N TYR A 6 8.68 -10.82 0.55
CA TYR A 6 8.20 -9.57 0.00
C TYR A 6 7.59 -9.79 -1.39
N ASN A 7 7.90 -10.95 -1.96
CA ASN A 7 7.40 -11.28 -3.27
C ASN A 7 7.45 -10.04 -4.17
N PHE A 8 6.57 -10.03 -5.17
CA PHE A 8 6.51 -8.91 -6.09
C PHE A 8 5.25 -9.00 -6.96
N GLY A 9 4.18 -9.48 -6.36
CA GLY A 9 2.92 -9.62 -7.06
C GLY A 9 1.74 -9.52 -6.08
N LYS A 10 1.79 -10.38 -5.07
CA LYS A 10 0.73 -10.41 -4.07
C LYS A 10 0.73 -9.09 -3.30
N SER A 11 1.90 -8.78 -2.73
CA SER A 11 2.05 -7.56 -1.96
C SER A 11 1.59 -6.36 -2.80
N VAL A 12 1.81 -6.46 -4.10
CA VAL A 12 1.44 -5.39 -5.00
C VAL A 12 -0.08 -5.21 -4.97
N ARG A 13 -0.77 -6.33 -4.79
CA ARG A 13 -2.23 -6.32 -4.74
C ARG A 13 -2.71 -5.59 -3.48
N HIS A 14 -1.92 -5.75 -2.41
CA HIS A 14 -2.25 -5.13 -1.15
C HIS A 14 -1.93 -3.63 -1.21
N VAL A 15 -0.78 -3.32 -1.78
CA VAL A 15 -0.34 -1.95 -1.91
C VAL A 15 -1.26 -1.22 -2.89
N VAL A 16 -1.67 -1.95 -3.93
CA VAL A 16 -2.55 -1.39 -4.94
C VAL A 16 -3.79 -0.80 -4.26
N ASP A 17 -4.25 -1.50 -3.23
CA ASP A 17 -5.42 -1.07 -2.50
C ASP A 17 -5.10 0.23 -1.75
N ALA A 18 -3.82 0.43 -1.51
CA ALA A 18 -3.37 1.62 -0.80
C ALA A 18 -3.22 2.77 -1.80
N ILE A 19 -3.00 2.39 -3.05
CA ILE A 19 -2.84 3.39 -4.11
C ILE A 19 -4.12 4.22 -4.23
N GLY A 20 -5.24 3.55 -3.97
CA GLY A 20 -6.54 4.21 -4.04
C GLY A 20 -6.98 4.70 -2.66
N SER A 21 -6.40 4.08 -1.64
CA SER A 21 -6.73 4.44 -0.27
C SER A 21 -5.92 5.67 0.15
N VAL A 22 -5.18 6.22 -0.80
CA VAL A 22 -4.36 7.38 -0.54
C VAL A 22 -5.26 8.55 -0.09
N ALA A 23 -6.47 8.56 -0.63
CA ALA A 23 -7.42 9.60 -0.29
C ALA A 23 -7.94 9.37 1.12
N GLY A 24 -7.74 8.15 1.60
CA GLY A 24 -8.19 7.78 2.94
C GLY A 24 -6.99 7.59 3.88
N ILE A 25 -5.85 8.09 3.44
CA ILE A 25 -4.63 7.98 4.23
C ILE A 25 -3.79 9.23 4.04
N ARG A 26 -3.43 9.49 2.79
CA ARG A 26 -2.63 10.65 2.46
C ARG A 26 -3.46 11.93 2.63
N GLY A 27 -4.70 11.85 2.20
CA GLY A 27 -5.60 12.99 2.30
C GLY A 27 -5.95 13.30 3.76
N ILE A 28 -6.20 12.23 4.51
CA ILE A 28 -6.54 12.37 5.91
C ILE A 28 -5.26 12.65 6.72
N LEU A 29 -4.13 12.36 6.09
CA LEU A 29 -2.84 12.57 6.73
C LEU A 29 -2.69 14.05 7.08
N LYS A 30 -3.29 14.89 6.25
CA LYS A 30 -3.23 16.33 6.45
C LYS A 30 -3.97 16.68 7.74
N SER A 31 -4.70 15.71 8.24
CA SER A 31 -5.46 15.92 9.47
C SER A 31 -4.70 15.36 10.67
N ILE A 32 -3.66 14.60 10.36
CA ILE A 32 -2.83 14.00 11.40
C ILE A 32 -1.57 14.85 11.60
N ARG A 33 -1.02 15.29 10.47
CA ARG A 33 0.19 16.11 10.51
C ARG A 33 1.36 15.29 11.04
N PHE A 1 10.02 -17.45 5.98
CA PHE A 1 9.84 -16.78 4.70
C PHE A 1 8.71 -17.43 3.90
N ASN A 2 8.32 -16.76 2.83
CA ASN A 2 7.25 -17.25 1.97
C ASN A 2 7.12 -16.34 0.75
N ARG A 3 7.19 -15.05 1.00
CA ARG A 3 7.08 -14.07 -0.07
C ARG A 3 8.38 -14.01 -0.86
N GLY A 4 9.43 -14.55 -0.26
CA GLY A 4 10.74 -14.56 -0.90
C GLY A 4 11.52 -13.29 -0.58
N GLY A 5 10.83 -12.16 -0.71
CA GLY A 5 11.44 -10.88 -0.43
C GLY A 5 11.88 -10.19 -1.73
N TYR A 6 11.31 -10.65 -2.83
CA TYR A 6 11.64 -10.10 -4.13
C TYR A 6 10.53 -10.39 -5.14
N ASN A 7 9.33 -10.59 -4.62
CA ASN A 7 8.18 -10.87 -5.46
C ASN A 7 7.95 -9.69 -6.41
N PHE A 8 6.87 -9.80 -7.18
CA PHE A 8 6.52 -8.76 -8.13
C PHE A 8 5.11 -8.98 -8.70
N GLY A 9 4.25 -9.50 -7.85
CA GLY A 9 2.87 -9.76 -8.25
C GLY A 9 1.92 -9.63 -7.06
N LYS A 10 2.23 -10.38 -6.01
CA LYS A 10 1.41 -10.35 -4.80
C LYS A 10 1.50 -8.97 -4.17
N SER A 11 2.72 -8.55 -3.89
CA SER A 11 2.95 -7.25 -3.29
C SER A 11 2.25 -6.16 -4.10
N VAL A 12 2.22 -6.38 -5.41
CA VAL A 12 1.59 -5.43 -6.31
C VAL A 12 0.11 -5.32 -5.97
N ARG A 13 -0.46 -6.43 -5.55
CA ARG A 13 -1.87 -6.48 -5.19
C ARG A 13 -2.12 -5.65 -3.92
N HIS A 14 -1.12 -5.64 -3.05
CA HIS A 14 -1.22 -4.90 -1.80
C HIS A 14 -1.04 -3.41 -2.09
N VAL A 15 -0.06 -3.11 -2.92
CA VAL A 15 0.25 -1.74 -3.28
C VAL A 15 -0.91 -1.16 -4.10
N VAL A 16 -1.51 -2.04 -4.90
CA VAL A 16 -2.63 -1.64 -5.74
C VAL A 16 -3.70 -0.97 -4.87
N ASP A 17 -3.99 -1.60 -3.75
CA ASP A 17 -4.99 -1.08 -2.83
C ASP A 17 -4.51 0.25 -2.27
N ALA A 18 -3.20 0.42 -2.27
CA ALA A 18 -2.59 1.64 -1.76
C ALA A 18 -3.01 2.82 -2.65
N ILE A 19 -3.08 2.54 -3.94
CA ILE A 19 -3.46 3.56 -4.90
C ILE A 19 -4.79 4.19 -4.48
N GLY A 20 -5.60 3.36 -3.82
CA GLY A 20 -6.91 3.83 -3.34
C GLY A 20 -6.88 4.09 -1.84
N SER A 21 -5.89 3.51 -1.19
CA SER A 21 -5.75 3.68 0.25
C SER A 21 -5.23 5.08 0.57
N VAL A 22 -4.79 5.77 -0.47
CA VAL A 22 -4.28 7.12 -0.33
C VAL A 22 -5.36 8.01 0.28
N ALA A 23 -6.60 7.73 -0.09
CA ALA A 23 -7.73 8.49 0.42
C ALA A 23 -7.97 8.12 1.88
N GLY A 24 -7.40 6.99 2.28
CA GLY A 24 -7.55 6.51 3.65
C GLY A 24 -6.23 6.60 4.40
N ILE A 25 -5.30 7.36 3.83
CA ILE A 25 -3.99 7.53 4.44
C ILE A 25 -3.50 8.96 4.20
N ARG A 26 -3.39 9.30 2.92
CA ARG A 26 -2.94 10.63 2.54
C ARG A 26 -4.01 11.67 2.87
N GLY A 27 -5.25 11.30 2.59
CA GLY A 27 -6.36 12.20 2.84
C GLY A 27 -6.56 12.42 4.35
N ILE A 28 -6.43 11.33 5.09
CA ILE A 28 -6.58 11.38 6.53
C ILE A 28 -5.31 11.97 7.15
N LEU A 29 -4.24 11.96 6.36
CA LEU A 29 -2.97 12.48 6.83
C LEU A 29 -3.13 13.97 7.19
N LYS A 30 -4.04 14.62 6.48
CA LYS A 30 -4.30 16.03 6.72
C LYS A 30 -4.89 16.20 8.13
N SER A 31 -5.28 15.07 8.71
CA SER A 31 -5.85 15.09 10.05
C SER A 31 -4.79 14.73 11.09
N ILE A 32 -3.65 14.26 10.59
CA ILE A 32 -2.56 13.87 11.45
C ILE A 32 -1.52 15.00 11.49
N ARG A 33 -1.29 15.59 10.33
CA ARG A 33 -0.33 16.68 10.21
C ARG A 33 1.08 16.17 10.49
N PHE A 1 9.51 -19.79 4.00
CA PHE A 1 9.55 -18.58 3.20
C PHE A 1 9.85 -18.91 1.74
N ASN A 2 9.67 -17.90 0.89
CA ASN A 2 9.92 -18.08 -0.54
C ASN A 2 9.77 -16.73 -1.24
N ARG A 3 8.74 -15.99 -0.84
CA ARG A 3 8.48 -14.69 -1.42
C ARG A 3 9.67 -13.75 -1.17
N GLY A 4 10.39 -14.03 -0.09
CA GLY A 4 11.55 -13.22 0.25
C GLY A 4 11.14 -12.04 1.14
N GLY A 5 9.97 -11.49 0.84
CA GLY A 5 9.46 -10.35 1.60
C GLY A 5 9.40 -9.09 0.73
N TYR A 6 9.21 -9.32 -0.56
CA TYR A 6 9.12 -8.22 -1.52
C TYR A 6 8.38 -8.65 -2.78
N ASN A 7 8.71 -9.84 -3.25
CA ASN A 7 8.09 -10.37 -4.46
C ASN A 7 7.93 -9.24 -5.48
N PHE A 8 6.93 -9.41 -6.34
CA PHE A 8 6.66 -8.43 -7.37
C PHE A 8 5.33 -8.71 -8.07
N GLY A 9 4.38 -9.21 -7.28
CA GLY A 9 3.06 -9.52 -7.79
C GLY A 9 2.00 -9.41 -6.70
N LYS A 10 2.24 -10.14 -5.62
CA LYS A 10 1.32 -10.14 -4.49
C LYS A 10 1.30 -8.75 -3.85
N SER A 11 2.48 -8.28 -3.49
CA SER A 11 2.61 -6.97 -2.88
C SER A 11 1.95 -5.91 -3.76
N VAL A 12 2.03 -6.14 -5.06
CA VAL A 12 1.45 -5.22 -6.02
C VAL A 12 -0.06 -5.16 -5.81
N ARG A 13 -0.62 -6.30 -5.44
CA ARG A 13 -2.05 -6.39 -5.21
C ARG A 13 -2.45 -5.58 -3.97
N HIS A 14 -1.54 -5.55 -3.00
CA HIS A 14 -1.78 -4.80 -1.77
C HIS A 14 -1.59 -3.32 -2.03
N VAL A 15 -0.54 -3.00 -2.77
CA VAL A 15 -0.23 -1.62 -3.09
C VAL A 15 -1.30 -1.07 -4.04
N VAL A 16 -1.80 -1.95 -4.90
CA VAL A 16 -2.82 -1.57 -5.86
C VAL A 16 -4.00 -0.96 -5.10
N ASP A 17 -4.34 -1.58 -4.00
CA ASP A 17 -5.45 -1.11 -3.18
C ASP A 17 -5.05 0.18 -2.47
N ALA A 18 -3.74 0.33 -2.29
CA ALA A 18 -3.22 1.51 -1.62
C ALA A 18 -3.50 2.74 -2.49
N ILE A 19 -3.46 2.54 -3.80
CA ILE A 19 -3.71 3.63 -4.73
C ILE A 19 -5.06 4.27 -4.41
N GLY A 20 -5.95 3.46 -3.87
CA GLY A 20 -7.27 3.93 -3.51
C GLY A 20 -7.33 4.33 -2.03
N SER A 21 -6.43 3.73 -1.26
CA SER A 21 -6.37 4.02 0.17
C SER A 21 -5.78 5.41 0.39
N VAL A 22 -5.26 5.99 -0.68
CA VAL A 22 -4.67 7.31 -0.62
C VAL A 22 -5.71 8.30 -0.09
N ALA A 23 -6.95 8.08 -0.48
CA ALA A 23 -8.04 8.93 -0.06
C ALA A 23 -8.36 8.67 1.42
N GLY A 24 -7.89 7.52 1.89
CA GLY A 24 -8.11 7.13 3.28
C GLY A 24 -6.80 7.10 4.06
N ILE A 25 -5.80 7.77 3.49
CA ILE A 25 -4.49 7.83 4.11
C ILE A 25 -3.87 9.21 3.87
N ARG A 26 -3.75 9.55 2.60
CA ARG A 26 -3.19 10.83 2.22
C ARG A 26 -4.11 11.97 2.66
N GLY A 27 -5.40 11.76 2.47
CA GLY A 27 -6.38 12.76 2.84
C GLY A 27 -6.44 12.93 4.36
N ILE A 28 -6.38 11.81 5.06
CA ILE A 28 -6.42 11.82 6.51
C ILE A 28 -5.05 12.24 7.05
N LEU A 29 -4.06 12.15 6.18
CA LEU A 29 -2.70 12.52 6.56
C LEU A 29 -2.67 13.98 6.99
N LYS A 30 -3.54 14.76 6.36
CA LYS A 30 -3.62 16.18 6.67
C LYS A 30 -4.12 16.37 8.11
N SER A 31 -4.58 15.26 8.68
CA SER A 31 -5.09 15.29 10.04
C SER A 31 -4.01 14.78 11.01
N ILE A 32 -2.97 14.21 10.43
CA ILE A 32 -1.87 13.68 11.22
C ILE A 32 -0.71 14.69 11.22
N ARG A 33 -0.48 15.27 10.05
CA ARG A 33 0.58 16.25 9.91
C ARG A 33 1.94 15.59 10.11
N PHE A 1 12.00 -22.34 0.50
CA PHE A 1 11.21 -21.17 0.19
C PHE A 1 10.76 -21.19 -1.27
N ASN A 2 9.98 -20.17 -1.62
CA ASN A 2 9.48 -20.06 -2.98
C ASN A 2 9.50 -18.59 -3.41
N ARG A 3 8.72 -17.79 -2.70
CA ARG A 3 8.64 -16.37 -3.00
C ARG A 3 9.98 -15.70 -2.72
N GLY A 4 10.77 -16.34 -1.87
CA GLY A 4 12.08 -15.81 -1.52
C GLY A 4 11.99 -14.87 -0.32
N GLY A 5 10.88 -14.15 -0.25
CA GLY A 5 10.66 -13.22 0.84
C GLY A 5 10.23 -11.85 0.31
N TYR A 6 10.89 -11.43 -0.76
CA TYR A 6 10.59 -10.15 -1.37
C TYR A 6 9.34 -10.24 -2.25
N ASN A 7 8.97 -11.46 -2.58
CA ASN A 7 7.79 -11.70 -3.41
C ASN A 7 7.80 -10.71 -4.57
N PHE A 8 6.64 -10.61 -5.22
CA PHE A 8 6.49 -9.71 -6.35
C PHE A 8 5.12 -9.87 -7.00
N GLY A 9 4.12 -10.09 -6.16
CA GLY A 9 2.77 -10.26 -6.65
C GLY A 9 1.74 -9.98 -5.54
N LYS A 10 1.94 -10.65 -4.41
CA LYS A 10 1.06 -10.47 -3.28
C LYS A 10 1.18 -9.05 -2.75
N SER A 11 2.41 -8.68 -2.43
CA SER A 11 2.68 -7.35 -1.90
C SER A 11 2.11 -6.29 -2.85
N VAL A 12 2.14 -6.62 -4.14
CA VAL A 12 1.63 -5.71 -5.16
C VAL A 12 0.13 -5.48 -4.93
N ARG A 13 -0.52 -6.53 -4.45
CA ARG A 13 -1.95 -6.46 -4.19
C ARG A 13 -2.23 -5.52 -3.02
N HIS A 14 -1.29 -5.52 -2.07
CA HIS A 14 -1.43 -4.68 -0.89
C HIS A 14 -1.09 -3.22 -1.26
N VAL A 15 -0.03 -3.08 -2.03
CA VAL A 15 0.40 -1.76 -2.46
C VAL A 15 -0.63 -1.17 -3.42
N VAL A 16 -1.22 -2.05 -4.21
CA VAL A 16 -2.24 -1.63 -5.17
C VAL A 16 -3.35 -0.87 -4.45
N ASP A 17 -3.70 -1.38 -3.28
CA ASP A 17 -4.75 -0.77 -2.47
C ASP A 17 -4.25 0.58 -1.96
N ALA A 18 -2.94 0.69 -1.84
CA ALA A 18 -2.32 1.92 -1.36
C ALA A 18 -2.60 3.05 -2.36
N ILE A 19 -2.51 2.69 -3.64
CA ILE A 19 -2.75 3.66 -4.69
C ILE A 19 -4.19 4.16 -4.62
N GLY A 20 -5.03 3.34 -3.99
CA GLY A 20 -6.43 3.68 -3.84
C GLY A 20 -6.73 4.19 -2.43
N SER A 21 -5.79 3.94 -1.54
CA SER A 21 -5.93 4.37 -0.15
C SER A 21 -5.30 5.75 0.03
N VAL A 22 -4.42 6.10 -0.90
CA VAL A 22 -3.74 7.38 -0.85
C VAL A 22 -4.79 8.50 -0.92
N ALA A 23 -5.88 8.21 -1.61
CA ALA A 23 -6.95 9.18 -1.76
C ALA A 23 -7.66 9.36 -0.41
N GLY A 24 -7.41 8.41 0.47
CA GLY A 24 -8.03 8.45 1.80
C GLY A 24 -6.97 8.68 2.88
N ILE A 25 -5.71 8.54 2.48
CA ILE A 25 -4.61 8.73 3.40
C ILE A 25 -4.14 10.19 3.34
N ARG A 26 -4.20 10.74 2.13
CA ARG A 26 -3.78 12.12 1.91
C ARG A 26 -4.80 13.07 2.54
N GLY A 27 -6.06 12.67 2.50
CA GLY A 27 -7.13 13.47 3.05
C GLY A 27 -7.05 13.50 4.58
N ILE A 28 -6.74 12.34 5.15
CA ILE A 28 -6.63 12.22 6.59
C ILE A 28 -5.30 12.81 7.06
N LEU A 29 -4.40 12.98 6.11
CA LEU A 29 -3.09 13.53 6.40
C LEU A 29 -3.25 14.96 6.94
N LYS A 30 -4.35 15.58 6.54
CA LYS A 30 -4.63 16.94 6.98
C LYS A 30 -4.96 16.93 8.46
N SER A 31 -5.17 15.74 8.99
CA SER A 31 -5.50 15.57 10.40
C SER A 31 -4.24 15.19 11.18
N ILE A 32 -3.20 14.84 10.44
CA ILE A 32 -1.94 14.45 11.05
C ILE A 32 -0.97 15.63 11.01
N ARG A 33 -0.98 16.32 9.88
CA ARG A 33 -0.10 17.47 9.71
C ARG A 33 1.37 17.04 9.76
N PHE A 1 8.83 -13.50 7.54
CA PHE A 1 9.29 -13.57 6.16
C PHE A 1 8.63 -14.73 5.42
N ASN A 2 8.55 -14.58 4.12
CA ASN A 2 7.94 -15.61 3.28
C ASN A 2 8.12 -15.23 1.81
N ARG A 3 7.71 -14.01 1.49
CA ARG A 3 7.81 -13.52 0.12
C ARG A 3 9.17 -12.83 -0.09
N GLY A 4 9.68 -12.29 1.00
CA GLY A 4 10.97 -11.59 0.94
C GLY A 4 10.77 -10.10 0.67
N GLY A 5 9.82 -9.81 -0.20
CA GLY A 5 9.53 -8.43 -0.56
C GLY A 5 9.98 -8.13 -1.99
N TYR A 6 10.83 -9.00 -2.51
CA TYR A 6 11.33 -8.84 -3.86
C TYR A 6 10.34 -9.37 -4.90
N ASN A 7 9.15 -9.69 -4.41
CA ASN A 7 8.10 -10.21 -5.28
C ASN A 7 7.79 -9.17 -6.36
N PHE A 8 6.75 -9.47 -7.12
CA PHE A 8 6.33 -8.58 -8.20
C PHE A 8 4.97 -8.99 -8.76
N GLY A 9 4.08 -9.39 -7.85
CA GLY A 9 2.75 -9.81 -8.24
C GLY A 9 1.77 -9.65 -7.07
N LYS A 10 2.08 -10.33 -5.98
CA LYS A 10 1.23 -10.27 -4.80
C LYS A 10 1.25 -8.85 -4.23
N SER A 11 2.45 -8.38 -3.96
CA SER A 11 2.62 -7.04 -3.40
C SER A 11 1.92 -6.02 -4.30
N VAL A 12 1.92 -6.32 -5.60
CA VAL A 12 1.29 -5.44 -6.56
C VAL A 12 -0.21 -5.35 -6.26
N ARG A 13 -0.75 -6.46 -5.80
CA ARG A 13 -2.16 -6.53 -5.47
C ARG A 13 -2.48 -5.64 -4.27
N HIS A 14 -1.51 -5.59 -3.35
CA HIS A 14 -1.67 -4.79 -2.15
C HIS A 14 -1.48 -3.31 -2.49
N VAL A 15 -0.48 -3.04 -3.31
CA VAL A 15 -0.17 -1.67 -3.72
C VAL A 15 -1.31 -1.16 -4.61
N VAL A 16 -1.85 -2.08 -5.40
CA VAL A 16 -2.93 -1.73 -6.31
C VAL A 16 -4.06 -1.07 -5.52
N ASP A 17 -4.34 -1.64 -4.36
CA ASP A 17 -5.40 -1.12 -3.51
C ASP A 17 -4.94 0.20 -2.88
N ALA A 18 -3.63 0.35 -2.79
CA ALA A 18 -3.04 1.55 -2.22
C ALA A 18 -3.50 2.77 -3.03
N ILE A 19 -3.65 2.54 -4.33
CA ILE A 19 -4.08 3.60 -5.23
C ILE A 19 -5.41 4.18 -4.72
N GLY A 20 -6.14 3.35 -3.99
CA GLY A 20 -7.42 3.77 -3.45
C GLY A 20 -7.35 3.92 -1.93
N SER A 21 -6.30 3.35 -1.35
CA SER A 21 -6.11 3.41 0.09
C SER A 21 -5.39 4.71 0.46
N VAL A 22 -4.78 5.32 -0.55
CA VAL A 22 -4.07 6.57 -0.34
C VAL A 22 -5.03 7.63 0.21
N ALA A 23 -6.27 7.56 -0.27
CA ALA A 23 -7.29 8.49 0.16
C ALA A 23 -7.70 8.16 1.60
N GLY A 24 -7.33 6.96 2.03
CA GLY A 24 -7.65 6.52 3.38
C GLY A 24 -6.38 6.27 4.18
N ILE A 25 -5.29 6.82 3.69
CA ILE A 25 -4.00 6.66 4.37
C ILE A 25 -3.19 7.95 4.22
N ARG A 26 -3.01 8.35 2.97
CA ARG A 26 -2.25 9.56 2.68
C ARG A 26 -3.06 10.80 3.08
N GLY A 27 -4.21 10.94 2.44
CA GLY A 27 -5.09 12.07 2.72
C GLY A 27 -5.44 12.14 4.21
N ILE A 28 -5.57 10.96 4.81
CA ILE A 28 -5.89 10.88 6.22
C ILE A 28 -4.64 11.16 7.05
N LEU A 29 -3.49 11.04 6.39
CA LEU A 29 -2.22 11.27 7.05
C LEU A 29 -2.15 12.73 7.51
N LYS A 30 -2.84 13.59 6.78
CA LYS A 30 -2.87 15.01 7.11
C LYS A 30 -3.57 15.20 8.46
N SER A 31 -4.21 14.13 8.92
CA SER A 31 -4.92 14.18 10.18
C SER A 31 -4.06 13.55 11.28
N ILE A 32 -2.99 12.90 10.86
CA ILE A 32 -2.08 12.25 11.79
C ILE A 32 -0.87 13.15 12.01
N ARG A 33 -0.41 13.77 10.94
CA ARG A 33 0.74 14.65 11.01
C ARG A 33 2.00 13.86 11.37
N PHE A 1 14.15 -20.22 1.81
CA PHE A 1 13.03 -19.36 1.43
C PHE A 1 12.77 -19.44 -0.08
N ASN A 2 11.73 -18.76 -0.50
CA ASN A 2 11.35 -18.74 -1.90
C ASN A 2 10.87 -17.34 -2.28
N ARG A 3 9.72 -16.97 -1.73
CA ARG A 3 9.14 -15.67 -2.00
C ARG A 3 10.09 -14.56 -1.54
N GLY A 4 10.82 -14.85 -0.48
CA GLY A 4 11.76 -13.90 0.06
C GLY A 4 11.10 -13.00 1.12
N GLY A 5 9.82 -12.73 0.88
CA GLY A 5 9.06 -11.89 1.80
C GLY A 5 8.50 -10.66 1.07
N TYR A 6 9.31 -10.13 0.16
CA TYR A 6 8.91 -8.96 -0.60
C TYR A 6 7.98 -9.34 -1.75
N ASN A 7 8.04 -10.61 -2.12
CA ASN A 7 7.21 -11.13 -3.19
C ASN A 7 7.19 -10.11 -4.34
N PHE A 8 6.20 -10.27 -5.21
CA PHE A 8 6.06 -9.37 -6.35
C PHE A 8 4.71 -9.59 -7.03
N GLY A 9 3.71 -9.90 -6.23
CA GLY A 9 2.37 -10.13 -6.75
C GLY A 9 1.31 -9.77 -5.72
N LYS A 10 1.48 -10.35 -4.53
CA LYS A 10 0.54 -10.10 -3.44
C LYS A 10 0.62 -8.63 -3.03
N SER A 11 1.83 -8.21 -2.70
CA SER A 11 2.07 -6.84 -2.28
C SER A 11 1.52 -5.88 -3.33
N VAL A 12 1.59 -6.31 -4.58
CA VAL A 12 1.11 -5.50 -5.69
C VAL A 12 -0.39 -5.26 -5.52
N ARG A 13 -1.06 -6.27 -4.99
CA ARG A 13 -2.50 -6.18 -4.78
C ARG A 13 -2.81 -5.17 -3.68
N HIS A 14 -1.90 -5.10 -2.71
CA HIS A 14 -2.07 -4.18 -1.60
C HIS A 14 -1.75 -2.76 -2.05
N VAL A 15 -0.67 -2.64 -2.82
CA VAL A 15 -0.24 -1.35 -3.33
C VAL A 15 -1.27 -0.84 -4.34
N VAL A 16 -1.84 -1.78 -5.08
CA VAL A 16 -2.83 -1.45 -6.09
C VAL A 16 -3.95 -0.64 -5.44
N ASP A 17 -4.36 -1.10 -4.27
CA ASP A 17 -5.43 -0.42 -3.55
C ASP A 17 -4.90 0.90 -3.00
N ALA A 18 -3.60 0.96 -2.81
CA ALA A 18 -2.96 2.15 -2.29
C ALA A 18 -3.26 3.33 -3.23
N ILE A 19 -3.25 3.03 -4.53
CA ILE A 19 -3.51 4.04 -5.53
C ILE A 19 -4.84 4.74 -5.21
N GLY A 20 -5.67 4.04 -4.45
CA GLY A 20 -6.97 4.57 -4.07
C GLY A 20 -7.03 4.82 -2.55
N SER A 21 -6.13 4.16 -1.84
CA SER A 21 -6.07 4.30 -0.40
C SER A 21 -5.35 5.59 -0.02
N VAL A 22 -4.60 6.12 -0.98
CA VAL A 22 -3.86 7.35 -0.76
C VAL A 22 -4.83 8.45 -0.36
N ALA A 23 -6.01 8.42 -0.97
CA ALA A 23 -7.03 9.41 -0.68
C ALA A 23 -7.60 9.16 0.72
N GLY A 24 -7.34 7.97 1.22
CA GLY A 24 -7.81 7.60 2.55
C GLY A 24 -6.64 7.35 3.51
N ILE A 25 -5.49 7.85 3.11
CA ILE A 25 -4.29 7.70 3.91
C ILE A 25 -3.42 8.96 3.79
N ARG A 26 -3.07 9.28 2.55
CA ARG A 26 -2.26 10.44 2.28
C ARG A 26 -3.06 11.72 2.53
N GLY A 27 -4.33 11.67 2.16
CA GLY A 27 -5.22 12.80 2.33
C GLY A 27 -5.50 13.06 3.81
N ILE A 28 -5.72 11.97 4.53
CA ILE A 28 -6.00 12.06 5.95
C ILE A 28 -4.69 12.30 6.71
N LEU A 29 -3.59 12.04 6.03
CA LEU A 29 -2.28 12.23 6.63
C LEU A 29 -2.11 13.69 7.02
N LYS A 30 -2.75 14.56 6.24
CA LYS A 30 -2.68 15.99 6.50
C LYS A 30 -3.36 16.30 7.82
N SER A 31 -4.06 15.31 8.34
CA SER A 31 -4.76 15.47 9.61
C SER A 31 -3.93 14.86 10.75
N ILE A 32 -2.92 14.10 10.36
CA ILE A 32 -2.05 13.45 11.33
C ILE A 32 -0.76 14.25 11.45
N ARG A 33 -0.36 14.85 10.35
CA ARG A 33 0.86 15.65 10.32
C ARG A 33 1.88 15.08 11.31
N PHE A 1 1.61 -9.34 0.19
CA PHE A 1 2.73 -10.26 0.00
C PHE A 1 3.02 -11.01 1.30
N ASN A 2 4.16 -11.69 1.30
CA ASN A 2 4.56 -12.46 2.46
C ASN A 2 6.08 -12.35 2.64
N ARG A 3 6.80 -12.91 1.68
CA ARG A 3 8.25 -12.88 1.71
C ARG A 3 8.75 -11.42 1.70
N GLY A 4 8.04 -10.60 0.94
CA GLY A 4 8.40 -9.19 0.84
C GLY A 4 9.92 -9.01 0.83
N GLY A 5 10.60 -9.99 0.27
CA GLY A 5 12.04 -9.95 0.20
C GLY A 5 12.53 -9.81 -1.25
N TYR A 6 11.81 -10.49 -2.15
CA TYR A 6 12.15 -10.44 -3.55
C TYR A 6 10.95 -10.83 -4.42
N ASN A 7 9.77 -10.63 -3.86
CA ASN A 7 8.54 -10.96 -4.56
C ASN A 7 8.36 -10.00 -5.74
N PHE A 8 7.32 -10.24 -6.51
CA PHE A 8 7.03 -9.42 -7.67
C PHE A 8 5.66 -9.76 -8.27
N GLY A 9 4.68 -9.93 -7.38
CA GLY A 9 3.34 -10.26 -7.81
C GLY A 9 2.34 -10.07 -6.67
N LYS A 10 2.63 -10.73 -5.56
CA LYS A 10 1.78 -10.64 -4.39
C LYS A 10 1.79 -9.21 -3.85
N SER A 11 3.00 -8.73 -3.57
CA SER A 11 3.16 -7.39 -3.06
C SER A 11 2.46 -6.38 -3.98
N VAL A 12 2.47 -6.70 -5.27
CA VAL A 12 1.85 -5.85 -6.25
C VAL A 12 0.35 -5.76 -5.98
N ARG A 13 -0.19 -6.86 -5.48
CA ARG A 13 -1.62 -6.93 -5.18
C ARG A 13 -1.94 -6.02 -3.98
N HIS A 14 -0.98 -5.94 -3.07
CA HIS A 14 -1.15 -5.11 -1.88
C HIS A 14 -0.97 -3.64 -2.25
N VAL A 15 0.05 -3.40 -3.06
CA VAL A 15 0.35 -2.03 -3.49
C VAL A 15 -0.77 -1.55 -4.42
N VAL A 16 -1.31 -2.47 -5.18
CA VAL A 16 -2.38 -2.15 -6.11
C VAL A 16 -3.53 -1.48 -5.34
N ASP A 17 -3.81 -2.03 -4.17
CA ASP A 17 -4.87 -1.51 -3.33
C ASP A 17 -4.44 -0.17 -2.74
N ALA A 18 -3.12 0.00 -2.64
CA ALA A 18 -2.57 1.22 -2.10
C ALA A 18 -2.94 2.40 -3.01
N ILE A 19 -3.02 2.11 -4.30
CA ILE A 19 -3.36 3.12 -5.28
C ILE A 19 -4.77 3.64 -4.99
N GLY A 20 -5.53 2.84 -4.27
CA GLY A 20 -6.89 3.20 -3.91
C GLY A 20 -7.01 3.51 -2.41
N SER A 21 -6.04 3.02 -1.67
CA SER A 21 -6.02 3.23 -0.23
C SER A 21 -5.26 4.53 0.10
N VAL A 22 -4.57 5.04 -0.92
CA VAL A 22 -3.80 6.26 -0.75
C VAL A 22 -4.75 7.41 -0.37
N ALA A 23 -5.97 7.31 -0.86
CA ALA A 23 -6.98 8.32 -0.57
C ALA A 23 -7.39 8.22 0.89
N GLY A 24 -7.06 7.08 1.50
CA GLY A 24 -7.39 6.86 2.89
C GLY A 24 -6.13 6.81 3.75
N ILE A 25 -5.00 6.73 3.09
CA ILE A 25 -3.72 6.68 3.78
C ILE A 25 -3.18 8.10 3.93
N ARG A 26 -3.38 8.90 2.89
CA ARG A 26 -2.92 10.27 2.90
C ARG A 26 -3.75 11.12 3.86
N GLY A 27 -4.96 10.63 4.12
CA GLY A 27 -5.85 11.32 5.03
C GLY A 27 -5.51 11.02 6.49
N ILE A 28 -4.81 9.91 6.68
CA ILE A 28 -4.41 9.50 8.02
C ILE A 28 -3.14 10.26 8.43
N LEU A 29 -2.37 10.64 7.42
CA LEU A 29 -1.14 11.37 7.67
C LEU A 29 -1.47 12.80 8.06
N LYS A 30 -2.43 13.37 7.35
CA LYS A 30 -2.85 14.74 7.62
C LYS A 30 -3.58 14.79 8.97
N SER A 31 -3.87 13.61 9.49
CA SER A 31 -4.55 13.51 10.77
C SER A 31 -3.54 13.61 11.91
N ILE A 32 -2.28 13.34 11.58
CA ILE A 32 -1.21 13.41 12.56
C ILE A 32 -0.44 14.72 12.38
N ARG A 33 -0.14 15.02 11.12
CA ARG A 33 0.61 16.23 10.80
C ARG A 33 2.02 16.17 11.39
N PHE A 1 8.28 -7.76 6.73
CA PHE A 1 8.65 -8.58 5.59
C PHE A 1 8.32 -10.05 5.84
N ASN A 2 8.41 -10.84 4.78
CA ASN A 2 8.12 -12.26 4.88
C ASN A 2 8.45 -12.92 3.54
N ARG A 3 8.08 -12.24 2.46
CA ARG A 3 8.32 -12.77 1.13
C ARG A 3 9.79 -12.55 0.74
N GLY A 4 10.47 -11.73 1.53
CA GLY A 4 11.86 -11.43 1.28
C GLY A 4 12.02 -10.11 0.52
N GLY A 5 10.93 -9.71 -0.12
CA GLY A 5 10.94 -8.47 -0.89
C GLY A 5 11.10 -8.76 -2.38
N TYR A 6 11.13 -10.04 -2.71
CA TYR A 6 11.28 -10.44 -4.10
C TYR A 6 9.93 -10.43 -4.82
N ASN A 7 8.91 -10.02 -4.09
CA ASN A 7 7.57 -9.96 -4.65
C ASN A 7 7.57 -9.02 -5.86
N PHE A 8 6.63 -9.27 -6.76
CA PHE A 8 6.50 -8.45 -7.95
C PHE A 8 5.20 -8.75 -8.69
N GLY A 9 4.19 -9.12 -7.91
CA GLY A 9 2.88 -9.43 -8.47
C GLY A 9 1.79 -9.38 -7.40
N LYS A 10 2.05 -10.08 -6.31
CA LYS A 10 1.10 -10.12 -5.21
C LYS A 10 0.99 -8.72 -4.58
N SER A 11 2.15 -8.21 -4.18
CA SER A 11 2.21 -6.89 -3.56
C SER A 11 1.55 -5.86 -4.48
N VAL A 12 1.71 -6.09 -5.78
CA VAL A 12 1.14 -5.20 -6.77
C VAL A 12 -0.38 -5.14 -6.61
N ARG A 13 -0.93 -6.29 -6.23
CA ARG A 13 -2.38 -6.39 -6.03
C ARG A 13 -2.81 -5.55 -4.82
N HIS A 14 -1.92 -5.50 -3.83
CA HIS A 14 -2.20 -4.75 -2.62
C HIS A 14 -2.03 -3.26 -2.90
N VAL A 15 -0.96 -2.95 -3.62
CA VAL A 15 -0.67 -1.56 -3.95
C VAL A 15 -1.72 -1.04 -4.93
N VAL A 16 -2.18 -1.94 -5.79
CA VAL A 16 -3.18 -1.59 -6.78
C VAL A 16 -4.39 -0.97 -6.07
N ASP A 17 -4.78 -1.61 -4.97
CA ASP A 17 -5.92 -1.12 -4.20
C ASP A 17 -5.53 0.18 -3.49
N ALA A 18 -4.24 0.32 -3.26
CA ALA A 18 -3.73 1.51 -2.59
C ALA A 18 -4.05 2.75 -3.45
N ILE A 19 -4.18 2.51 -4.74
CA ILE A 19 -4.49 3.58 -5.68
C ILE A 19 -5.83 4.22 -5.30
N GLY A 20 -6.68 3.40 -4.70
CA GLY A 20 -8.00 3.87 -4.29
C GLY A 20 -8.07 4.03 -2.77
N SER A 21 -7.14 3.36 -2.09
CA SER A 21 -7.09 3.43 -0.65
C SER A 21 -6.17 4.57 -0.20
N VAL A 22 -5.44 5.10 -1.17
CA VAL A 22 -4.52 6.20 -0.89
C VAL A 22 -5.29 7.37 -0.29
N ALA A 23 -6.51 7.54 -0.77
CA ALA A 23 -7.36 8.62 -0.29
C ALA A 23 -7.85 8.28 1.12
N GLY A 24 -7.71 7.01 1.47
CA GLY A 24 -8.13 6.56 2.79
C GLY A 24 -6.93 6.05 3.59
N ILE A 25 -5.75 6.44 3.14
CA ILE A 25 -4.52 6.03 3.82
C ILE A 25 -3.51 7.18 3.75
N ARG A 26 -3.22 7.60 2.53
CA ARG A 26 -2.28 8.68 2.31
C ARG A 26 -2.87 10.00 2.77
N GLY A 27 -4.16 10.16 2.52
CA GLY A 27 -4.86 11.37 2.90
C GLY A 27 -4.98 11.48 4.42
N ILE A 28 -5.28 10.35 5.04
CA ILE A 28 -5.44 10.31 6.48
C ILE A 28 -4.06 10.29 7.13
N LEU A 29 -3.05 9.97 6.32
CA LEU A 29 -1.69 9.91 6.80
C LEU A 29 -1.28 11.29 7.33
N LYS A 30 -1.85 12.32 6.72
CA LYS A 30 -1.56 13.68 7.11
C LYS A 30 -2.07 13.92 8.54
N SER A 31 -2.86 12.97 9.01
CA SER A 31 -3.41 13.06 10.35
C SER A 31 -2.59 12.20 11.32
N ILE A 32 -1.71 11.40 10.74
CA ILE A 32 -0.86 10.53 11.54
C ILE A 32 0.53 11.17 11.68
N ARG A 33 0.98 11.75 10.57
CA ARG A 33 2.28 12.39 10.56
C ARG A 33 3.39 11.36 10.74
N PHE A 1 7.83 -8.70 6.76
CA PHE A 1 7.13 -8.93 5.50
C PHE A 1 6.82 -10.43 5.33
N ASN A 2 6.25 -10.74 4.18
CA ASN A 2 5.91 -12.13 3.87
C ASN A 2 6.19 -12.40 2.39
N ARG A 3 5.74 -11.48 1.55
CA ARG A 3 5.95 -11.62 0.12
C ARG A 3 7.43 -11.55 -0.22
N GLY A 4 8.20 -11.04 0.74
CA GLY A 4 9.63 -10.92 0.56
C GLY A 4 10.00 -9.56 -0.05
N GLY A 5 9.24 -9.17 -1.06
CA GLY A 5 9.46 -7.91 -1.73
C GLY A 5 10.19 -8.11 -3.06
N TYR A 6 10.68 -9.32 -3.24
CA TYR A 6 11.40 -9.66 -4.47
C TYR A 6 10.42 -10.08 -5.57
N ASN A 7 9.22 -10.46 -5.15
CA ASN A 7 8.19 -10.87 -6.10
C ASN A 7 7.90 -9.73 -7.07
N PHE A 8 6.84 -9.90 -7.83
CA PHE A 8 6.44 -8.90 -8.80
C PHE A 8 5.08 -9.24 -9.43
N GLY A 9 4.17 -9.67 -8.57
CA GLY A 9 2.84 -10.04 -9.01
C GLY A 9 1.84 -9.99 -7.86
N LYS A 10 2.12 -10.79 -6.83
CA LYS A 10 1.26 -10.84 -5.67
C LYS A 10 1.29 -9.49 -4.96
N SER A 11 2.49 -9.06 -4.61
CA SER A 11 2.66 -7.79 -3.93
C SER A 11 1.98 -6.67 -4.72
N VAL A 12 2.00 -6.83 -6.03
CA VAL A 12 1.39 -5.84 -6.91
C VAL A 12 -0.11 -5.78 -6.64
N ARG A 13 -0.67 -6.93 -6.29
CA ARG A 13 -2.09 -7.01 -5.99
C ARG A 13 -2.40 -6.26 -4.70
N HIS A 14 -1.46 -6.30 -3.78
CA HIS A 14 -1.62 -5.63 -2.50
C HIS A 14 -1.42 -4.12 -2.68
N VAL A 15 -0.39 -3.78 -3.45
CA VAL A 15 -0.08 -2.39 -3.71
C VAL A 15 -1.19 -1.78 -4.57
N VAL A 16 -1.74 -2.59 -5.45
CA VAL A 16 -2.81 -2.14 -6.33
C VAL A 16 -3.93 -1.55 -5.49
N ASP A 17 -4.25 -2.24 -4.40
CA ASP A 17 -5.30 -1.79 -3.52
C ASP A 17 -4.83 -0.56 -2.75
N ALA A 18 -3.51 -0.45 -2.60
CA ALA A 18 -2.91 0.66 -1.90
C ALA A 18 -3.31 1.96 -2.59
N ILE A 19 -3.50 1.88 -3.89
CA ILE A 19 -3.89 3.05 -4.68
C ILE A 19 -5.18 3.63 -4.10
N GLY A 20 -5.97 2.75 -3.50
CA GLY A 20 -7.24 3.18 -2.91
C GLY A 20 -7.09 3.39 -1.40
N SER A 21 -6.14 2.68 -0.83
CA SER A 21 -5.89 2.78 0.60
C SER A 21 -5.15 4.08 0.91
N VAL A 22 -4.48 4.60 -0.11
CA VAL A 22 -3.73 5.84 0.04
C VAL A 22 -4.68 6.95 0.49
N ALA A 23 -5.88 6.92 -0.07
CA ALA A 23 -6.89 7.91 0.26
C ALA A 23 -7.42 7.66 1.66
N GLY A 24 -7.11 6.47 2.17
CA GLY A 24 -7.54 6.09 3.50
C GLY A 24 -6.35 5.81 4.42
N ILE A 25 -5.19 6.29 3.98
CA ILE A 25 -3.97 6.09 4.74
C ILE A 25 -3.08 7.33 4.60
N ARG A 26 -2.81 7.68 3.34
CA ARG A 26 -1.97 8.83 3.06
C ARG A 26 -2.73 10.12 3.38
N GLY A 27 -3.86 10.29 2.70
CA GLY A 27 -4.68 11.47 2.90
C GLY A 27 -5.04 11.64 4.38
N ILE A 28 -5.23 10.52 5.04
CA ILE A 28 -5.57 10.53 6.46
C ILE A 28 -4.31 10.80 7.29
N LEU A 29 -3.17 10.59 6.64
CA LEU A 29 -1.89 10.80 7.30
C LEU A 29 -1.75 12.28 7.67
N LYS A 30 -2.41 13.12 6.89
CA LYS A 30 -2.37 14.56 7.12
C LYS A 30 -3.09 14.88 8.43
N SER A 31 -3.79 13.87 8.95
CA SER A 31 -4.52 14.04 10.19
C SER A 31 -3.72 13.46 11.35
N ILE A 32 -2.67 12.73 10.99
CA ILE A 32 -1.82 12.11 11.99
C ILE A 32 -0.56 12.96 12.19
N ARG A 33 -0.04 13.45 11.07
CA ARG A 33 1.14 14.28 11.09
C ARG A 33 2.35 13.46 11.57
N PHE A 1 4.03 -9.34 -0.16
CA PHE A 1 2.94 -8.72 0.57
C PHE A 1 3.32 -8.52 2.04
N ASN A 2 4.62 -8.59 2.30
CA ASN A 2 5.12 -8.41 3.65
C ASN A 2 6.56 -7.91 3.59
N ARG A 3 7.35 -8.55 2.74
CA ARG A 3 8.75 -8.18 2.57
C ARG A 3 8.87 -7.05 1.55
N GLY A 4 8.04 -7.13 0.52
CA GLY A 4 8.06 -6.13 -0.53
C GLY A 4 9.48 -5.66 -0.82
N GLY A 5 10.40 -6.61 -0.80
CA GLY A 5 11.80 -6.30 -1.06
C GLY A 5 12.43 -7.36 -1.97
N TYR A 6 11.58 -8.21 -2.53
CA TYR A 6 12.04 -9.26 -3.42
C TYR A 6 10.92 -9.73 -4.34
N ASN A 7 9.73 -9.86 -3.75
CA ASN A 7 8.57 -10.30 -4.51
C ASN A 7 8.30 -9.32 -5.65
N PHE A 8 7.29 -9.64 -6.44
CA PHE A 8 6.92 -8.79 -7.57
C PHE A 8 5.60 -9.25 -8.18
N GLY A 9 4.66 -9.58 -7.31
CA GLY A 9 3.34 -10.03 -7.75
C GLY A 9 2.30 -9.86 -6.64
N LYS A 10 2.61 -10.47 -5.50
CA LYS A 10 1.71 -10.39 -4.36
C LYS A 10 1.63 -8.94 -3.87
N SER A 11 2.79 -8.38 -3.57
CA SER A 11 2.87 -7.01 -3.10
C SER A 11 2.14 -6.08 -4.07
N VAL A 12 2.21 -6.45 -5.35
CA VAL A 12 1.56 -5.66 -6.38
C VAL A 12 0.05 -5.65 -6.15
N ARG A 13 -0.44 -6.77 -5.64
CA ARG A 13 -1.87 -6.91 -5.37
C ARG A 13 -2.27 -5.98 -4.22
N HIS A 14 -1.35 -5.81 -3.28
CA HIS A 14 -1.60 -4.96 -2.12
C HIS A 14 -1.49 -3.49 -2.54
N VAL A 15 -0.47 -3.21 -3.33
CA VAL A 15 -0.23 -1.86 -3.80
C VAL A 15 -1.36 -1.46 -4.77
N VAL A 16 -1.82 -2.44 -5.52
CA VAL A 16 -2.88 -2.22 -6.49
C VAL A 16 -4.08 -1.60 -5.78
N ASP A 17 -4.36 -2.12 -4.59
CA ASP A 17 -5.48 -1.64 -3.81
C ASP A 17 -5.14 -0.25 -3.25
N ALA A 18 -3.84 0.00 -3.12
CA ALA A 18 -3.38 1.27 -2.60
C ALA A 18 -3.81 2.40 -3.54
N ILE A 19 -3.94 2.04 -4.81
CA ILE A 19 -4.36 3.00 -5.82
C ILE A 19 -5.69 3.62 -5.42
N GLY A 20 -6.45 2.86 -4.64
CA GLY A 20 -7.74 3.31 -4.16
C GLY A 20 -7.73 3.55 -2.65
N SER A 21 -6.80 2.89 -1.99
CA SER A 21 -6.67 3.03 -0.55
C SER A 21 -5.82 4.26 -0.21
N VAL A 22 -5.28 4.87 -1.26
CA VAL A 22 -4.46 6.05 -1.08
C VAL A 22 -5.27 7.13 -0.37
N ALA A 23 -6.55 7.18 -0.70
CA ALA A 23 -7.44 8.16 -0.09
C ALA A 23 -7.70 7.77 1.36
N GLY A 24 -7.38 6.53 1.68
CA GLY A 24 -7.58 6.03 3.02
C GLY A 24 -6.25 5.66 3.68
N ILE A 25 -5.18 6.17 3.08
CA ILE A 25 -3.84 5.92 3.59
C ILE A 25 -2.97 7.16 3.41
N ARG A 26 -2.88 7.60 2.16
CA ARG A 26 -2.10 8.78 1.84
C ARG A 26 -2.78 10.04 2.38
N GLY A 27 -4.10 10.04 2.30
CA GLY A 27 -4.88 11.17 2.78
C GLY A 27 -4.84 11.26 4.30
N ILE A 28 -4.94 10.10 4.94
CA ILE A 28 -4.90 10.05 6.39
C ILE A 28 -3.47 10.18 6.88
N LEU A 29 -2.54 9.98 5.95
CA LEU A 29 -1.13 10.07 6.26
C LEU A 29 -0.81 11.48 6.75
N LYS A 30 -1.56 12.44 6.23
CA LYS A 30 -1.37 13.83 6.61
C LYS A 30 -1.74 14.00 8.08
N SER A 31 -2.36 12.97 8.63
CA SER A 31 -2.77 13.01 10.03
C SER A 31 -1.76 12.26 10.88
N ILE A 32 -0.87 11.56 10.21
CA ILE A 32 0.16 10.79 10.89
C ILE A 32 1.48 11.56 10.87
N ARG A 33 1.74 12.18 9.73
CA ARG A 33 2.96 12.96 9.56
C ARG A 33 4.19 12.06 9.71
N PHE A 1 3.82 -11.72 2.38
CA PHE A 1 5.18 -11.63 1.89
C PHE A 1 6.07 -10.85 2.86
N ASN A 2 7.34 -11.24 2.88
CA ASN A 2 8.29 -10.60 3.77
C ASN A 2 9.63 -10.44 3.04
N ARG A 3 10.04 -11.51 2.39
CA ARG A 3 11.29 -11.51 1.65
C ARG A 3 11.25 -10.44 0.56
N GLY A 4 10.06 -10.19 0.05
CA GLY A 4 9.88 -9.19 -1.00
C GLY A 4 11.05 -9.21 -1.98
N GLY A 5 11.59 -10.41 -2.19
CA GLY A 5 12.71 -10.58 -3.10
C GLY A 5 12.25 -11.22 -4.41
N TYR A 6 11.73 -12.44 -4.28
CA TYR A 6 11.25 -13.17 -5.45
C TYR A 6 9.82 -12.79 -5.79
N ASN A 7 9.13 -12.22 -4.81
CA ASN A 7 7.76 -11.80 -4.99
C ASN A 7 7.70 -10.76 -6.12
N PHE A 8 6.49 -10.55 -6.61
CA PHE A 8 6.28 -9.59 -7.69
C PHE A 8 4.91 -9.77 -8.33
N GLY A 9 3.91 -10.02 -7.49
CA GLY A 9 2.56 -10.21 -7.96
C GLY A 9 1.55 -9.98 -6.83
N LYS A 10 1.79 -10.64 -5.71
CA LYS A 10 0.91 -10.51 -4.56
C LYS A 10 0.99 -9.08 -4.03
N SER A 11 2.21 -8.66 -3.72
CA SER A 11 2.43 -7.32 -3.20
C SER A 11 1.81 -6.28 -4.13
N VAL A 12 1.82 -6.61 -5.42
CA VAL A 12 1.26 -5.72 -6.42
C VAL A 12 -0.24 -5.55 -6.16
N ARG A 13 -0.85 -6.63 -5.68
CA ARG A 13 -2.27 -6.62 -5.39
C ARG A 13 -2.56 -5.70 -4.21
N HIS A 14 -1.62 -5.66 -3.27
CA HIS A 14 -1.77 -4.83 -2.09
C HIS A 14 -1.50 -3.37 -2.46
N VAL A 15 -0.46 -3.17 -3.26
CA VAL A 15 -0.09 -1.83 -3.69
C VAL A 15 -1.16 -1.29 -4.62
N VAL A 16 -1.74 -2.19 -5.40
CA VAL A 16 -2.78 -1.81 -6.34
C VAL A 16 -3.91 -1.11 -5.59
N ASP A 17 -4.21 -1.63 -4.41
CA ASP A 17 -5.26 -1.06 -3.58
C ASP A 17 -4.77 0.26 -2.98
N ALA A 18 -3.46 0.38 -2.86
CA ALA A 18 -2.86 1.58 -2.31
C ALA A 18 -3.25 2.78 -3.18
N ILE A 19 -3.38 2.52 -4.47
CA ILE A 19 -3.75 3.56 -5.41
C ILE A 19 -5.05 4.22 -4.95
N GLY A 20 -5.80 3.48 -4.15
CA GLY A 20 -7.07 3.97 -3.63
C GLY A 20 -7.00 4.20 -2.12
N SER A 21 -6.11 3.44 -1.48
CA SER A 21 -5.94 3.55 -0.05
C SER A 21 -5.28 4.89 0.30
N VAL A 22 -4.49 5.38 -0.63
CA VAL A 22 -3.79 6.65 -0.43
C VAL A 22 -4.83 7.75 -0.18
N ALA A 23 -5.97 7.60 -0.81
CA ALA A 23 -7.05 8.57 -0.68
C ALA A 23 -7.67 8.42 0.71
N GLY A 24 -7.41 7.28 1.33
CA GLY A 24 -7.94 7.01 2.65
C GLY A 24 -6.82 6.74 3.66
N ILE A 25 -5.63 7.21 3.30
CA ILE A 25 -4.47 7.03 4.16
C ILE A 25 -3.58 8.27 4.07
N ARG A 26 -3.25 8.65 2.86
CA ARG A 26 -2.42 9.81 2.62
C ARG A 26 -3.18 11.09 2.95
N GLY A 27 -4.45 11.10 2.59
CA GLY A 27 -5.31 12.25 2.84
C GLY A 27 -5.54 12.44 4.34
N ILE A 28 -5.75 11.32 5.02
CA ILE A 28 -5.99 11.35 6.46
C ILE A 28 -4.66 11.54 7.18
N LEU A 29 -3.58 11.28 6.46
CA LEU A 29 -2.25 11.42 7.01
C LEU A 29 -2.03 12.87 7.47
N LYS A 30 -2.67 13.77 6.75
CA LYS A 30 -2.57 15.19 7.06
C LYS A 30 -3.19 15.45 8.44
N SER A 31 -3.89 14.46 8.93
CA SER A 31 -4.54 14.57 10.23
C SER A 31 -3.69 13.88 11.30
N ILE A 32 -2.69 13.14 10.83
CA ILE A 32 -1.80 12.43 11.74
C ILE A 32 -0.51 13.23 11.90
N ARG A 33 -0.04 13.79 10.79
CA ARG A 33 1.17 14.58 10.80
C ARG A 33 2.37 13.70 11.15
N PHE A 1 5.02 -14.97 -1.00
CA PHE A 1 4.60 -16.29 -0.54
C PHE A 1 5.80 -17.24 -0.45
N ASN A 2 6.98 -16.65 -0.40
CA ASN A 2 8.21 -17.42 -0.30
C ASN A 2 9.29 -16.57 0.36
N ARG A 3 9.40 -15.33 -0.09
CA ARG A 3 10.38 -14.41 0.44
C ARG A 3 9.78 -13.61 1.60
N GLY A 4 8.52 -13.24 1.42
CA GLY A 4 7.83 -12.46 2.43
C GLY A 4 8.69 -11.30 2.93
N GLY A 5 9.62 -10.90 2.09
CA GLY A 5 10.52 -9.80 2.43
C GLY A 5 10.36 -8.64 1.46
N TYR A 6 10.02 -8.97 0.22
CA TYR A 6 9.82 -7.97 -0.80
C TYR A 6 8.94 -8.50 -1.94
N ASN A 7 9.21 -9.74 -2.32
CA ASN A 7 8.45 -10.37 -3.39
C ASN A 7 8.20 -9.35 -4.50
N PHE A 8 7.17 -9.63 -5.28
CA PHE A 8 6.80 -8.75 -6.38
C PHE A 8 5.44 -9.12 -6.97
N GLY A 9 4.57 -9.60 -6.09
CA GLY A 9 3.23 -10.00 -6.49
C GLY A 9 2.21 -9.76 -5.38
N LYS A 10 2.54 -10.28 -4.21
CA LYS A 10 1.67 -10.13 -3.06
C LYS A 10 1.61 -8.65 -2.67
N SER A 11 2.79 -8.09 -2.43
CA SER A 11 2.88 -6.70 -2.04
C SER A 11 2.13 -5.82 -3.06
N VAL A 12 2.16 -6.26 -4.30
CA VAL A 12 1.49 -5.52 -5.37
C VAL A 12 -0.01 -5.49 -5.10
N ARG A 13 -0.49 -6.57 -4.51
CA ARG A 13 -1.90 -6.68 -4.18
C ARG A 13 -2.28 -5.69 -3.09
N HIS A 14 -1.33 -5.47 -2.19
CA HIS A 14 -1.55 -4.55 -1.08
C HIS A 14 -1.43 -3.11 -1.59
N VAL A 15 -0.44 -2.89 -2.42
CA VAL A 15 -0.21 -1.56 -2.98
C VAL A 15 -1.35 -1.22 -3.94
N VAL A 16 -1.83 -2.25 -4.63
CA VAL A 16 -2.92 -2.06 -5.57
C VAL A 16 -4.09 -1.37 -4.87
N ASP A 17 -4.37 -1.82 -3.65
CA ASP A 17 -5.45 -1.26 -2.88
C ASP A 17 -5.05 0.14 -2.40
N ALA A 18 -3.75 0.35 -2.30
CA ALA A 18 -3.23 1.63 -1.85
C ALA A 18 -3.62 2.71 -2.86
N ILE A 19 -3.83 2.28 -4.09
CA ILE A 19 -4.21 3.19 -5.15
C ILE A 19 -5.55 3.86 -4.78
N GLY A 20 -6.37 3.13 -4.05
CA GLY A 20 -7.66 3.63 -3.63
C GLY A 20 -7.66 3.97 -2.14
N SER A 21 -6.71 3.39 -1.43
CA SER A 21 -6.59 3.62 0.01
C SER A 21 -5.79 4.90 0.26
N VAL A 22 -5.08 5.34 -0.77
CA VAL A 22 -4.28 6.54 -0.66
C VAL A 22 -5.18 7.71 -0.27
N ALA A 23 -6.39 7.70 -0.79
CA ALA A 23 -7.35 8.75 -0.50
C ALA A 23 -7.84 8.60 0.94
N GLY A 24 -7.60 7.42 1.49
CA GLY A 24 -8.01 7.14 2.87
C GLY A 24 -6.79 6.89 3.76
N ILE A 25 -5.64 7.32 3.26
CA ILE A 25 -4.40 7.15 4.00
C ILE A 25 -3.50 8.36 3.76
N ARG A 26 -3.21 8.60 2.49
CA ARG A 26 -2.36 9.72 2.11
C ARG A 26 -3.10 11.05 2.34
N GLY A 27 -4.39 11.02 2.05
CA GLY A 27 -5.21 12.21 2.21
C GLY A 27 -5.39 12.55 3.69
N ILE A 28 -5.59 11.51 4.49
CA ILE A 28 -5.77 11.69 5.92
C ILE A 28 -4.40 11.93 6.58
N LEU A 29 -3.36 11.58 5.84
CA LEU A 29 -2.01 11.74 6.33
C LEU A 29 -1.76 13.23 6.62
N LYS A 30 -2.41 14.07 5.84
CA LYS A 30 -2.27 15.51 6.00
C LYS A 30 -2.85 15.93 7.35
N SER A 31 -3.55 14.99 7.98
CA SER A 31 -4.16 15.25 9.27
C SER A 31 -3.29 14.67 10.38
N ILE A 32 -2.32 13.85 9.98
CA ILE A 32 -1.42 13.24 10.93
C ILE A 32 -0.09 14.01 10.94
N ARG A 33 0.29 14.50 9.77
CA ARG A 33 1.52 15.25 9.63
C ARG A 33 2.63 14.59 10.44
N PHE A 1 9.29 -17.50 6.05
CA PHE A 1 8.85 -16.34 5.31
C PHE A 1 7.59 -16.65 4.50
N ASN A 2 7.18 -15.68 3.69
CA ASN A 2 6.00 -15.84 2.88
C ASN A 2 6.24 -15.18 1.51
N ARG A 3 6.69 -13.94 1.56
CA ARG A 3 6.98 -13.19 0.34
C ARG A 3 8.12 -13.85 -0.43
N GLY A 4 8.87 -14.68 0.28
CA GLY A 4 10.00 -15.38 -0.32
C GLY A 4 11.27 -14.52 -0.23
N GLY A 5 11.11 -13.25 -0.51
CA GLY A 5 12.22 -12.32 -0.47
C GLY A 5 12.54 -11.76 -1.86
N TYR A 6 11.59 -11.95 -2.76
CA TYR A 6 11.74 -11.48 -4.12
C TYR A 6 10.39 -11.33 -4.82
N ASN A 7 9.40 -10.94 -4.03
CA ASN A 7 8.06 -10.75 -4.54
C ASN A 7 8.08 -9.67 -5.63
N PHE A 8 7.10 -9.74 -6.51
CA PHE A 8 6.99 -8.79 -7.61
C PHE A 8 5.65 -8.92 -8.32
N GLY A 9 4.64 -9.33 -7.56
CA GLY A 9 3.31 -9.49 -8.10
C GLY A 9 2.25 -9.46 -6.99
N LYS A 10 2.51 -10.25 -5.94
CA LYS A 10 1.60 -10.31 -4.82
C LYS A 10 1.58 -8.97 -4.10
N SER A 11 2.77 -8.54 -3.70
CA SER A 11 2.90 -7.27 -3.00
C SER A 11 2.27 -6.15 -3.83
N VAL A 12 2.37 -6.29 -5.13
CA VAL A 12 1.83 -5.30 -6.04
C VAL A 12 0.31 -5.21 -5.84
N ARG A 13 -0.28 -6.35 -5.52
CA ARG A 13 -1.71 -6.41 -5.29
C ARG A 13 -2.09 -5.65 -4.01
N HIS A 14 -1.18 -5.70 -3.04
CA HIS A 14 -1.39 -5.01 -1.78
C HIS A 14 -1.16 -3.52 -1.96
N VAL A 15 -0.09 -3.20 -2.69
CA VAL A 15 0.24 -1.81 -2.93
C VAL A 15 -0.82 -1.19 -3.85
N VAL A 16 -1.33 -2.01 -4.75
CA VAL A 16 -2.34 -1.55 -5.68
C VAL A 16 -3.51 -0.94 -4.90
N ASP A 17 -3.87 -1.62 -3.83
CA ASP A 17 -4.98 -1.15 -2.98
C ASP A 17 -4.59 0.17 -2.34
N ALA A 18 -3.28 0.36 -2.19
CA ALA A 18 -2.77 1.58 -1.58
C ALA A 18 -3.05 2.76 -2.50
N ILE A 19 -2.85 2.52 -3.79
CA ILE A 19 -3.08 3.56 -4.79
C ILE A 19 -4.56 3.94 -4.80
N GLY A 20 -5.37 2.99 -4.36
CA GLY A 20 -6.81 3.20 -4.31
C GLY A 20 -7.27 3.59 -2.90
N SER A 21 -6.41 3.29 -1.95
CA SER A 21 -6.71 3.61 -0.55
C SER A 21 -6.09 4.96 -0.18
N VAL A 22 -5.58 5.64 -1.19
CA VAL A 22 -4.97 6.94 -0.99
C VAL A 22 -5.98 7.89 -0.35
N ALA A 23 -7.25 7.67 -0.69
CA ALA A 23 -8.32 8.49 -0.17
C ALA A 23 -8.52 8.16 1.32
N GLY A 24 -8.03 7.00 1.71
CA GLY A 24 -8.17 6.55 3.08
C GLY A 24 -6.79 6.45 3.76
N ILE A 25 -5.83 7.14 3.17
CA ILE A 25 -4.47 7.14 3.69
C ILE A 25 -3.85 8.52 3.52
N ARG A 26 -3.82 8.97 2.27
CA ARG A 26 -3.26 10.28 1.96
C ARG A 26 -4.19 11.38 2.47
N GLY A 27 -5.46 11.05 2.55
CA GLY A 27 -6.45 12.00 3.02
C GLY A 27 -6.43 12.12 4.55
N ILE A 28 -6.13 10.99 5.18
CA ILE A 28 -6.07 10.94 6.64
C ILE A 28 -4.74 11.54 7.11
N LEU A 29 -3.81 11.64 6.19
CA LEU A 29 -2.50 12.20 6.49
C LEU A 29 -2.67 13.65 6.94
N LYS A 30 -3.71 14.28 6.44
CA LYS A 30 -3.99 15.67 6.78
C LYS A 30 -4.36 15.75 8.26
N SER A 31 -4.60 14.59 8.84
CA SER A 31 -4.95 14.52 10.26
C SER A 31 -3.72 14.16 11.09
N ILE A 32 -2.68 13.74 10.39
CA ILE A 32 -1.44 13.36 11.06
C ILE A 32 -0.44 14.51 10.95
N ARG A 33 -0.53 15.23 9.84
CA ARG A 33 0.36 16.35 9.60
C ARG A 33 1.74 16.08 10.22
N PHE A 1 7.03 -4.32 -1.05
CA PHE A 1 8.11 -5.28 -1.21
C PHE A 1 9.00 -5.34 0.02
N ASN A 2 9.62 -6.49 0.22
CA ASN A 2 10.50 -6.68 1.35
C ASN A 2 11.18 -8.05 1.25
N ARG A 3 10.35 -9.07 1.12
CA ARG A 3 10.86 -10.43 1.01
C ARG A 3 11.64 -10.60 -0.29
N GLY A 4 11.05 -10.10 -1.37
CA GLY A 4 11.68 -10.19 -2.68
C GLY A 4 12.41 -11.53 -2.85
N GLY A 5 11.87 -12.54 -2.18
CA GLY A 5 12.47 -13.87 -2.24
C GLY A 5 11.57 -14.82 -3.04
N TYR A 6 10.30 -14.50 -3.09
CA TYR A 6 9.34 -15.31 -3.82
C TYR A 6 8.10 -14.49 -4.19
N ASN A 7 7.65 -13.68 -3.24
CA ASN A 7 6.48 -12.85 -3.45
C ASN A 7 6.83 -11.72 -4.41
N PHE A 8 5.94 -11.50 -5.38
CA PHE A 8 6.15 -10.46 -6.37
C PHE A 8 4.97 -10.37 -7.33
N GLY A 9 3.79 -10.62 -6.79
CA GLY A 9 2.58 -10.57 -7.59
C GLY A 9 1.35 -10.31 -6.71
N LYS A 10 1.24 -11.11 -5.66
CA LYS A 10 0.12 -10.96 -4.74
C LYS A 10 0.22 -9.61 -4.01
N SER A 11 1.38 -9.40 -3.39
CA SER A 11 1.61 -8.15 -2.67
C SER A 11 1.36 -6.96 -3.58
N VAL A 12 1.66 -7.15 -4.86
CA VAL A 12 1.46 -6.11 -5.84
C VAL A 12 -0.02 -5.75 -5.93
N ARG A 13 -0.85 -6.78 -5.74
CA ARG A 13 -2.29 -6.59 -5.80
C ARG A 13 -2.76 -5.75 -4.61
N HIS A 14 -2.08 -5.95 -3.48
CA HIS A 14 -2.42 -5.21 -2.27
C HIS A 14 -1.91 -3.78 -2.38
N VAL A 15 -0.69 -3.66 -2.87
CA VAL A 15 -0.07 -2.35 -3.03
C VAL A 15 -0.81 -1.57 -4.11
N VAL A 16 -1.27 -2.30 -5.12
CA VAL A 16 -2.00 -1.69 -6.23
C VAL A 16 -3.19 -0.91 -5.67
N ASP A 17 -3.84 -1.49 -4.67
CA ASP A 17 -4.99 -0.87 -4.06
C ASP A 17 -4.51 0.31 -3.20
N ALA A 18 -3.27 0.22 -2.76
CA ALA A 18 -2.70 1.26 -1.93
C ALA A 18 -2.68 2.58 -2.70
N ILE A 19 -2.53 2.45 -4.01
CA ILE A 19 -2.51 3.62 -4.88
C ILE A 19 -3.86 4.34 -4.81
N GLY A 20 -4.88 3.57 -4.47
CA GLY A 20 -6.22 4.11 -4.37
C GLY A 20 -6.61 4.33 -2.91
N SER A 21 -5.90 3.65 -2.02
CA SER A 21 -6.15 3.78 -0.59
C SER A 21 -5.33 4.93 -0.01
N VAL A 22 -4.33 5.33 -0.78
CA VAL A 22 -3.46 6.42 -0.35
C VAL A 22 -4.30 7.67 -0.08
N ALA A 23 -5.32 7.84 -0.90
CA ALA A 23 -6.21 8.99 -0.76
C ALA A 23 -7.08 8.80 0.49
N GLY A 24 -7.12 7.56 0.96
CA GLY A 24 -7.90 7.24 2.14
C GLY A 24 -7.00 6.78 3.29
N ILE A 25 -5.72 7.08 3.16
CA ILE A 25 -4.75 6.70 4.17
C ILE A 25 -3.69 7.80 4.29
N ARG A 26 -3.06 8.09 3.17
CA ARG A 26 -2.02 9.11 3.14
C ARG A 26 -2.65 10.51 3.31
N GLY A 27 -3.82 10.67 2.71
CA GLY A 27 -4.53 11.93 2.78
C GLY A 27 -5.05 12.18 4.20
N ILE A 28 -5.57 11.11 4.81
CA ILE A 28 -6.10 11.21 6.15
C ILE A 28 -4.94 11.22 7.16
N LEU A 29 -3.78 10.80 6.67
CA LEU A 29 -2.60 10.75 7.52
C LEU A 29 -2.29 12.17 8.02
N LYS A 30 -2.62 13.14 7.19
CA LYS A 30 -2.39 14.53 7.54
C LYS A 30 -3.25 14.91 8.75
N SER A 31 -4.18 14.03 9.06
CA SER A 31 -5.07 14.25 10.19
C SER A 31 -4.58 13.47 11.41
N ILE A 32 -3.62 12.60 11.17
CA ILE A 32 -3.05 11.79 12.23
C ILE A 32 -1.73 12.40 12.69
N ARG A 33 -0.96 12.87 11.71
CA ARG A 33 0.32 13.47 11.99
C ARG A 33 1.29 12.43 12.57
#